data_2PHL
#
_entry.id   2PHL
#
_cell.length_a   89.810
_cell.length_b   114.080
_cell.length_c   137.080
_cell.angle_alpha   90.00
_cell.angle_beta   90.00
_cell.angle_gamma   90.00
#
_symmetry.space_group_name_H-M   'P 21 21 21'
#
loop_
_entity.id
_entity.type
_entity.pdbx_description
1 polymer PHASEOLIN
2 non-polymer 2-acetamido-2-deoxy-beta-D-glucopyranose
3 non-polymer 'PHOSPHATE ION'
4 water water
#
_entity_poly.entity_id   1
_entity_poly.type   'polypeptide(L)'
_entity_poly.pdbx_seq_one_letter_code
;TSLREEEESQDNPFYFNSDNSWNTLFKNQYGHIRVLQRFDQQSKRLQNLEDYRLVEFRSKPETLLLPQQADAELLLVVRS
GSAILVLVKPDDRREYFFLTSDNPIFSDHQKIPAGTIFYLVNPDPKEDLRIIQLAMPVNNPQIHEFFLSSTEAQQSYLQE
FSKHILEASFNSKFEEINRVLFEEEGQQEGVIVNIDSEQIKELSKHAKSSSRKSLSKQDNTIGNEFGNLTERTDNSLNVL
ISSIEMEEGALFVPHYYSKAIVILVVNEGEAHVELVGPKGNKETLEYESYRAELSKDDVFVIPAAYPVAIKATSNVNFTG
FGINANNNNRNLLAGKTDNVISSIGRALDGKDVLGLTFSGSGDEVMKLINKQSGSYFVDAHHHQQEQQKGRKGAFVY
;
_entity_poly.pdbx_strand_id   A,B,C
#
# COMPACT_ATOMS: atom_id res chain seq x y z
N ASP A 11 -17.34 23.60 -11.74
CA ASP A 11 -17.69 22.18 -11.91
C ASP A 11 -17.50 21.42 -10.59
N ASN A 12 -18.23 20.30 -10.49
CA ASN A 12 -18.20 19.46 -9.32
C ASN A 12 -17.30 18.28 -9.71
N PRO A 13 -16.17 18.12 -9.03
CA PRO A 13 -15.27 17.00 -9.36
C PRO A 13 -15.72 15.62 -8.86
N PHE A 14 -16.72 15.62 -8.00
CA PHE A 14 -17.30 14.43 -7.38
C PHE A 14 -18.50 13.86 -8.09
N TYR A 15 -18.90 14.48 -9.19
CA TYR A 15 -20.08 14.02 -9.95
C TYR A 15 -19.70 13.37 -11.28
N PHE A 16 -20.27 12.19 -11.53
CA PHE A 16 -20.01 11.43 -12.76
C PHE A 16 -21.33 11.23 -13.52
N ASN A 17 -21.60 12.13 -14.47
CA ASN A 17 -22.83 12.11 -15.28
C ASN A 17 -22.86 10.94 -16.25
N SER A 18 -23.76 9.98 -15.99
CA SER A 18 -23.89 8.79 -16.81
C SER A 18 -23.81 9.06 -18.29
N ASP A 19 -24.50 10.10 -18.74
CA ASP A 19 -24.52 10.47 -20.16
C ASP A 19 -23.12 10.60 -20.77
N ASN A 20 -22.12 10.80 -19.93
CA ASN A 20 -20.78 10.88 -20.45
C ASN A 20 -19.64 10.40 -19.53
N SER A 21 -19.92 9.39 -18.71
CA SER A 21 -18.91 8.84 -17.81
C SER A 21 -18.62 7.35 -17.96
N TRP A 22 -19.56 6.59 -18.53
CA TRP A 22 -19.41 5.15 -18.75
C TRP A 22 -19.00 4.88 -20.21
N ASN A 23 -18.39 3.72 -20.46
CA ASN A 23 -18.04 3.37 -21.83
C ASN A 23 -18.44 1.92 -22.05
N THR A 24 -19.04 1.62 -23.20
CA THR A 24 -19.51 0.27 -23.52
C THR A 24 -18.40 -0.70 -23.91
N LEU A 25 -18.27 -1.81 -23.22
CA LEU A 25 -17.27 -2.82 -23.57
C LEU A 25 -17.89 -3.67 -24.69
N PHE A 26 -19.10 -4.15 -24.41
CA PHE A 26 -19.86 -5.00 -25.30
C PHE A 26 -21.35 -4.73 -25.14
N LYS A 27 -22.10 -4.87 -26.22
CA LYS A 27 -23.54 -4.67 -26.16
C LYS A 27 -24.23 -5.38 -27.32
N ASN A 28 -25.29 -6.08 -27.03
CA ASN A 28 -26.00 -6.73 -28.11
C ASN A 28 -27.45 -6.85 -27.68
N GLN A 29 -28.30 -7.21 -28.64
CA GLN A 29 -29.72 -7.36 -28.38
C GLN A 29 -30.13 -8.11 -27.08
N TYR A 30 -29.17 -8.69 -26.37
CA TYR A 30 -29.47 -9.41 -25.14
C TYR A 30 -28.90 -8.77 -23.90
N GLY A 31 -27.93 -7.87 -24.04
CA GLY A 31 -27.37 -7.22 -22.88
C GLY A 31 -26.23 -6.26 -23.18
N HIS A 32 -25.57 -5.79 -22.12
CA HIS A 32 -24.44 -4.86 -22.23
C HIS A 32 -23.54 -4.83 -20.99
N ILE A 33 -22.32 -4.35 -21.22
CA ILE A 33 -21.28 -4.21 -20.19
C ILE A 33 -20.60 -2.87 -20.51
N ARG A 34 -20.52 -1.97 -19.53
CA ARG A 34 -19.85 -0.71 -19.72
C ARG A 34 -18.93 -0.60 -18.52
N VAL A 35 -17.84 0.16 -18.64
CA VAL A 35 -16.95 0.39 -17.51
C VAL A 35 -16.89 1.90 -17.20
N LEU A 36 -16.89 2.24 -15.91
CA LEU A 36 -16.81 3.64 -15.52
C LEU A 36 -15.38 4.14 -15.74
N GLN A 37 -15.24 5.39 -16.15
CA GLN A 37 -13.93 5.99 -16.36
C GLN A 37 -13.15 6.05 -15.05
N ARG A 38 -11.86 6.36 -15.14
CA ARG A 38 -11.01 6.44 -13.96
C ARG A 38 -11.30 7.65 -13.08
N PHE A 39 -11.36 7.43 -11.79
CA PHE A 39 -11.64 8.50 -10.86
C PHE A 39 -10.54 9.57 -10.81
N ASP A 40 -9.29 9.13 -10.70
CA ASP A 40 -8.15 10.02 -10.61
C ASP A 40 -7.94 10.85 -11.88
N GLN A 41 -8.56 10.42 -12.98
CA GLN A 41 -8.42 11.15 -14.22
C GLN A 41 -9.39 12.30 -14.27
N GLN A 42 -10.59 12.12 -13.74
CA GLN A 42 -11.53 13.21 -13.70
C GLN A 42 -10.86 14.29 -12.87
N SER A 43 -10.20 13.91 -11.79
CA SER A 43 -9.54 14.88 -10.94
C SER A 43 -8.56 14.30 -9.92
N LYS A 44 -7.45 15.00 -9.73
CA LYS A 44 -6.43 14.58 -8.80
C LYS A 44 -6.95 14.51 -7.36
N ARG A 45 -8.02 15.22 -7.04
CA ARG A 45 -8.54 15.18 -5.67
C ARG A 45 -8.90 13.72 -5.37
N LEU A 46 -9.37 13.04 -6.41
CA LEU A 46 -9.81 11.66 -6.37
C LEU A 46 -8.67 10.65 -6.56
N GLN A 47 -7.47 11.01 -6.12
CA GLN A 47 -6.31 10.14 -6.31
C GLN A 47 -6.28 8.84 -5.51
N ASN A 48 -6.83 8.81 -4.31
CA ASN A 48 -6.79 7.58 -3.55
C ASN A 48 -7.82 6.57 -4.02
N LEU A 49 -8.36 6.78 -5.21
CA LEU A 49 -9.32 5.87 -5.82
C LEU A 49 -8.73 5.34 -7.13
N GLU A 50 -7.49 5.71 -7.43
CA GLU A 50 -6.87 5.29 -8.67
C GLU A 50 -6.93 3.78 -8.89
N ASP A 51 -7.03 3.04 -7.79
CA ASP A 51 -7.02 1.60 -7.87
C ASP A 51 -8.36 0.90 -7.96
N TYR A 52 -9.46 1.64 -7.99
CA TYR A 52 -10.76 0.99 -8.09
C TYR A 52 -11.51 1.35 -9.34
N ARG A 53 -12.44 0.49 -9.72
CA ARG A 53 -13.22 0.75 -10.92
C ARG A 53 -14.63 0.23 -10.71
N LEU A 54 -15.55 0.66 -11.58
CA LEU A 54 -16.94 0.24 -11.54
C LEU A 54 -17.34 -0.36 -12.88
N VAL A 55 -17.86 -1.58 -12.83
CA VAL A 55 -18.35 -2.29 -14.00
C VAL A 55 -19.87 -2.47 -13.85
N GLU A 56 -20.59 -2.31 -14.95
CA GLU A 56 -22.04 -2.38 -14.97
C GLU A 56 -22.47 -3.32 -16.10
N PHE A 57 -23.45 -4.18 -15.82
CA PHE A 57 -23.89 -5.17 -16.79
C PHE A 57 -25.37 -5.40 -16.65
N ARG A 58 -26.08 -5.47 -17.78
CA ARG A 58 -27.53 -5.73 -17.79
C ARG A 58 -27.85 -6.81 -18.81
N SER A 59 -28.72 -7.74 -18.43
CA SER A 59 -29.10 -8.88 -19.27
C SER A 59 -30.64 -9.08 -19.43
N LYS A 60 -31.07 -9.63 -20.57
CA LYS A 60 -32.49 -9.89 -20.85
C LYS A 60 -32.82 -11.23 -20.22
N PRO A 61 -34.12 -11.57 -20.06
CA PRO A 61 -34.34 -12.89 -19.45
C PRO A 61 -33.84 -14.10 -20.23
N GLU A 62 -33.47 -15.13 -19.46
CA GLU A 62 -32.96 -16.39 -20.00
C GLU A 62 -31.76 -16.25 -20.94
N THR A 63 -30.68 -15.74 -20.39
CA THR A 63 -29.45 -15.53 -21.12
C THR A 63 -28.29 -16.07 -20.28
N LEU A 64 -27.12 -16.11 -20.93
CA LEU A 64 -25.86 -16.56 -20.35
C LEU A 64 -24.75 -15.65 -20.87
N LEU A 65 -23.82 -15.29 -19.98
CA LEU A 65 -22.64 -14.48 -20.32
C LEU A 65 -21.56 -15.56 -20.45
N LEU A 66 -20.95 -15.70 -21.63
CA LEU A 66 -19.95 -16.74 -21.86
C LEU A 66 -18.76 -16.64 -20.93
N PRO A 67 -18.06 -17.77 -20.67
CA PRO A 67 -16.91 -17.83 -19.77
C PRO A 67 -15.75 -16.90 -20.03
N GLN A 68 -15.21 -16.34 -18.96
CA GLN A 68 -14.09 -15.42 -19.07
C GLN A 68 -13.39 -15.43 -17.75
N GLN A 69 -12.23 -14.80 -17.70
CA GLN A 69 -11.50 -14.60 -16.45
C GLN A 69 -10.96 -13.16 -16.59
N ALA A 70 -10.90 -12.40 -15.50
CA ALA A 70 -10.39 -11.02 -15.59
C ALA A 70 -9.23 -10.81 -14.60
N ASP A 71 -8.37 -9.83 -14.85
CA ASP A 71 -7.23 -9.56 -13.97
C ASP A 71 -7.59 -8.62 -12.80
N ALA A 72 -8.75 -8.84 -12.18
CA ALA A 72 -9.18 -7.97 -11.08
C ALA A 72 -10.08 -8.65 -10.06
N GLU A 73 -10.00 -8.21 -8.81
CA GLU A 73 -10.89 -8.77 -7.77
C GLU A 73 -12.24 -8.13 -8.07
N LEU A 74 -13.30 -8.92 -8.03
CA LEU A 74 -14.62 -8.37 -8.27
C LEU A 74 -15.51 -8.53 -7.04
N LEU A 75 -16.35 -7.54 -6.81
CA LEU A 75 -17.34 -7.61 -5.75
C LEU A 75 -18.60 -7.34 -6.58
N LEU A 76 -19.36 -8.40 -6.84
CA LEU A 76 -20.57 -8.38 -7.66
C LEU A 76 -21.86 -8.13 -6.84
N VAL A 77 -22.70 -7.23 -7.35
CA VAL A 77 -23.94 -6.89 -6.65
C VAL A 77 -25.20 -6.84 -7.53
N VAL A 78 -26.19 -7.68 -7.21
CA VAL A 78 -27.45 -7.70 -7.93
C VAL A 78 -28.27 -6.48 -7.47
N ARG A 79 -28.42 -5.50 -8.37
CA ARG A 79 -29.16 -4.29 -8.06
C ARG A 79 -30.63 -4.46 -8.50
N SER A 80 -30.90 -5.47 -9.31
CA SER A 80 -32.25 -5.79 -9.79
C SER A 80 -32.20 -7.18 -10.39
N GLY A 81 -33.22 -7.99 -10.11
CA GLY A 81 -33.29 -9.32 -10.65
C GLY A 81 -32.64 -10.44 -9.84
N SER A 82 -32.32 -11.52 -10.54
CA SER A 82 -31.73 -12.70 -9.95
C SER A 82 -30.65 -13.20 -10.90
N ALA A 83 -29.69 -13.94 -10.37
CA ALA A 83 -28.62 -14.46 -11.20
C ALA A 83 -28.11 -15.76 -10.65
N ILE A 84 -27.57 -16.59 -11.54
CA ILE A 84 -26.94 -17.85 -11.14
C ILE A 84 -25.49 -17.63 -11.54
N LEU A 85 -24.62 -17.58 -10.54
CA LEU A 85 -23.19 -17.35 -10.72
C LEU A 85 -22.44 -18.64 -10.45
N VAL A 86 -21.51 -19.00 -11.32
CA VAL A 86 -20.76 -20.23 -11.10
C VAL A 86 -19.28 -20.01 -11.31
N LEU A 87 -18.49 -20.44 -10.32
CA LEU A 87 -17.04 -20.33 -10.36
C LEU A 87 -16.43 -21.70 -10.74
N VAL A 88 -15.50 -21.70 -11.70
CA VAL A 88 -14.83 -22.91 -12.23
C VAL A 88 -13.35 -22.92 -11.86
N LYS A 89 -12.99 -23.72 -10.87
CA LYS A 89 -11.61 -23.85 -10.41
C LYS A 89 -10.97 -24.98 -11.25
N PRO A 90 -9.63 -24.92 -11.49
CA PRO A 90 -8.85 -25.86 -12.28
C PRO A 90 -8.79 -27.31 -11.85
N ASP A 91 -8.79 -27.60 -10.55
CA ASP A 91 -8.75 -29.00 -10.13
C ASP A 91 -10.13 -29.61 -9.98
N ASP A 92 -10.90 -29.56 -11.06
CA ASP A 92 -12.24 -30.13 -11.12
C ASP A 92 -13.19 -29.68 -10.03
N ARG A 93 -13.31 -28.37 -9.86
CA ARG A 93 -14.22 -27.82 -8.87
C ARG A 93 -14.98 -26.60 -9.36
N ARG A 94 -16.25 -26.48 -8.95
CA ARG A 94 -17.11 -25.34 -9.27
C ARG A 94 -17.84 -24.90 -8.01
N GLU A 95 -18.28 -23.65 -8.01
CA GLU A 95 -19.01 -23.06 -6.88
C GLU A 95 -20.25 -22.44 -7.50
N TYR A 96 -21.43 -22.85 -7.02
CA TYR A 96 -22.72 -22.37 -7.53
C TYR A 96 -23.37 -21.39 -6.59
N PHE A 97 -23.78 -20.23 -7.09
CA PHE A 97 -24.45 -19.21 -6.26
C PHE A 97 -25.69 -18.69 -6.95
N PHE A 98 -26.76 -18.56 -6.17
CA PHE A 98 -28.02 -18.00 -6.64
C PHE A 98 -28.14 -16.65 -5.90
N LEU A 99 -28.19 -15.56 -6.67
CA LEU A 99 -28.29 -14.23 -6.09
C LEU A 99 -29.57 -13.54 -6.56
N THR A 100 -30.20 -12.79 -5.64
CA THR A 100 -31.43 -12.03 -5.89
C THR A 100 -31.34 -10.69 -5.15
N SER A 101 -32.14 -9.72 -5.55
CA SER A 101 -32.13 -8.43 -4.90
C SER A 101 -33.02 -8.33 -3.66
N ASP A 102 -34.22 -8.90 -3.71
CA ASP A 102 -35.17 -8.77 -2.59
C ASP A 102 -35.54 -9.89 -1.59
N ASN A 103 -35.68 -11.13 -2.03
CA ASN A 103 -36.04 -12.19 -1.06
C ASN A 103 -34.92 -12.49 -0.06
N PRO A 104 -35.24 -12.43 1.23
CA PRO A 104 -34.30 -12.68 2.34
C PRO A 104 -33.78 -14.11 2.45
N ILE A 105 -33.97 -14.91 1.41
CA ILE A 105 -33.53 -16.29 1.46
C ILE A 105 -32.13 -16.46 0.86
N PHE A 106 -31.78 -15.61 -0.09
CA PHE A 106 -30.48 -15.67 -0.76
C PHE A 106 -29.77 -14.35 -0.64
N SER A 107 -28.45 -14.35 -0.85
CA SER A 107 -27.68 -13.13 -0.79
C SER A 107 -27.82 -12.33 -2.09
N ASP A 108 -27.44 -11.06 -2.02
CA ASP A 108 -27.51 -10.15 -3.16
C ASP A 108 -26.13 -9.78 -3.68
N HIS A 109 -25.07 -10.38 -3.15
CA HIS A 109 -23.74 -10.06 -3.62
C HIS A 109 -22.77 -11.22 -3.45
N GLN A 110 -21.63 -11.12 -4.14
CA GLN A 110 -20.57 -12.16 -4.12
C GLN A 110 -19.20 -11.70 -4.65
N LYS A 111 -18.16 -11.90 -3.85
CA LYS A 111 -16.80 -11.57 -4.20
C LYS A 111 -16.28 -12.66 -5.19
N ILE A 112 -15.48 -12.27 -6.18
CA ILE A 112 -14.94 -13.22 -7.14
C ILE A 112 -13.45 -12.94 -7.15
N PRO A 113 -12.63 -13.91 -6.69
CA PRO A 113 -11.17 -13.75 -6.66
C PRO A 113 -10.61 -13.46 -8.04
N ALA A 114 -9.52 -12.70 -8.12
CA ALA A 114 -8.90 -12.34 -9.41
C ALA A 114 -8.56 -13.56 -10.21
N GLY A 115 -8.60 -13.43 -11.53
CA GLY A 115 -8.24 -14.53 -12.43
C GLY A 115 -8.98 -15.85 -12.40
N THR A 116 -10.19 -15.87 -11.83
CA THR A 116 -11.04 -17.07 -11.71
C THR A 116 -12.06 -17.18 -12.87
N ILE A 117 -12.15 -18.35 -13.51
CA ILE A 117 -13.11 -18.50 -14.62
C ILE A 117 -14.52 -18.53 -14.05
N PHE A 118 -15.41 -17.71 -14.63
CA PHE A 118 -16.81 -17.64 -14.17
C PHE A 118 -17.80 -17.33 -15.30
N TYR A 119 -19.01 -17.85 -15.16
CA TYR A 119 -20.07 -17.59 -16.13
C TYR A 119 -21.36 -17.21 -15.38
N LEU A 120 -22.24 -16.50 -16.06
CA LEU A 120 -23.45 -15.95 -15.44
C LEU A 120 -24.73 -16.21 -16.20
N VAL A 121 -25.80 -16.44 -15.44
CA VAL A 121 -27.11 -16.71 -16.00
C VAL A 121 -28.26 -15.89 -15.34
N ASN A 122 -29.19 -15.39 -16.15
CA ASN A 122 -30.41 -14.73 -15.65
C ASN A 122 -31.47 -15.79 -15.95
N PRO A 123 -31.82 -16.63 -14.95
CA PRO A 123 -32.82 -17.70 -15.13
C PRO A 123 -34.27 -17.29 -15.18
N ASP A 124 -34.55 -16.03 -14.87
CA ASP A 124 -35.91 -15.50 -14.86
C ASP A 124 -36.50 -15.45 -16.29
N PRO A 125 -37.79 -15.78 -16.42
CA PRO A 125 -38.44 -15.77 -17.73
C PRO A 125 -39.10 -14.43 -18.09
N LYS A 126 -39.07 -13.46 -17.19
CA LYS A 126 -39.68 -12.18 -17.46
C LYS A 126 -38.85 -10.95 -17.10
N GLU A 127 -38.01 -11.07 -16.07
CA GLU A 127 -37.19 -9.97 -15.58
C GLU A 127 -35.77 -9.81 -16.14
N ASP A 128 -35.32 -8.57 -16.27
CA ASP A 128 -33.95 -8.29 -16.74
C ASP A 128 -33.00 -8.37 -15.53
N LEU A 129 -31.71 -8.52 -15.81
CA LEU A 129 -30.72 -8.61 -14.76
C LEU A 129 -29.93 -7.34 -14.74
N ARG A 130 -29.86 -6.69 -13.59
CA ARG A 130 -29.07 -5.46 -13.48
C ARG A 130 -28.05 -5.73 -12.40
N ILE A 131 -26.77 -5.56 -12.75
CA ILE A 131 -25.62 -5.79 -11.86
C ILE A 131 -24.66 -4.61 -11.79
N ILE A 132 -24.16 -4.36 -10.59
CA ILE A 132 -23.20 -3.28 -10.37
C ILE A 132 -22.03 -3.97 -9.60
N GLN A 133 -20.78 -3.65 -9.96
CA GLN A 133 -19.67 -4.28 -9.27
C GLN A 133 -18.42 -3.44 -9.13
N LEU A 134 -17.79 -3.57 -7.95
CA LEU A 134 -16.54 -2.87 -7.62
C LEU A 134 -15.38 -3.77 -8.07
N ALA A 135 -14.40 -3.19 -8.76
CA ALA A 135 -13.27 -3.93 -9.28
C ALA A 135 -11.96 -3.41 -8.76
N MET A 136 -11.01 -4.29 -8.50
CA MET A 136 -9.67 -3.89 -8.04
C MET A 136 -8.64 -4.57 -8.95
N PRO A 137 -8.24 -3.93 -10.07
CA PRO A 137 -7.27 -4.54 -11.00
C PRO A 137 -5.91 -4.82 -10.40
N VAL A 138 -5.35 -5.97 -10.78
CA VAL A 138 -4.07 -6.38 -10.25
C VAL A 138 -2.86 -5.80 -10.91
N ASN A 139 -2.88 -5.64 -12.23
CA ASN A 139 -1.71 -5.18 -12.96
C ASN A 139 -1.37 -3.69 -13.11
N ASN A 140 -2.41 -2.88 -13.28
CA ASN A 140 -2.27 -1.43 -13.46
C ASN A 140 -3.70 -0.93 -13.40
N PRO A 141 -3.97 0.38 -13.65
CA PRO A 141 -5.34 0.89 -13.59
C PRO A 141 -6.44 0.34 -14.48
N GLN A 142 -6.07 -0.25 -15.60
CA GLN A 142 -7.03 -0.82 -16.53
C GLN A 142 -7.60 -2.15 -16.03
N ILE A 143 -8.79 -2.50 -16.49
CA ILE A 143 -9.38 -3.78 -16.12
C ILE A 143 -9.44 -4.56 -17.42
N HIS A 144 -8.91 -5.78 -17.38
CA HIS A 144 -8.84 -6.64 -18.55
C HIS A 144 -9.69 -7.90 -18.43
N GLU A 145 -10.61 -8.10 -19.39
CA GLU A 145 -11.46 -9.30 -19.43
C GLU A 145 -11.03 -10.24 -20.53
N PHE A 146 -10.67 -11.46 -20.17
CA PHE A 146 -10.29 -12.44 -21.15
C PHE A 146 -11.43 -13.42 -21.40
N PHE A 147 -11.99 -13.38 -22.61
CA PHE A 147 -13.10 -14.25 -22.99
C PHE A 147 -12.56 -15.49 -23.66
N LEU A 148 -13.09 -16.63 -23.23
CA LEU A 148 -12.68 -17.91 -23.75
C LEU A 148 -13.35 -18.17 -25.08
N SER A 149 -14.57 -17.63 -25.20
CA SER A 149 -15.42 -17.80 -26.39
C SER A 149 -14.89 -17.30 -27.73
N SER A 150 -15.44 -17.90 -28.77
CA SER A 150 -15.14 -17.58 -30.15
C SER A 150 -16.53 -17.25 -30.70
N THR A 151 -16.77 -15.99 -31.03
CA THR A 151 -18.08 -15.57 -31.54
C THR A 151 -17.84 -14.59 -32.64
N GLU A 152 -18.90 -14.21 -33.35
CA GLU A 152 -18.73 -13.25 -34.44
C GLU A 152 -18.20 -11.93 -33.94
N ALA A 153 -18.42 -11.61 -32.66
CA ALA A 153 -17.94 -10.36 -32.12
C ALA A 153 -16.54 -10.40 -31.54
N GLN A 154 -15.99 -11.59 -31.32
CA GLN A 154 -14.64 -11.67 -30.77
C GLN A 154 -13.98 -13.06 -30.92
N GLN A 155 -12.66 -13.05 -31.05
CA GLN A 155 -11.87 -14.27 -31.17
C GLN A 155 -11.51 -14.67 -29.76
N SER A 156 -11.24 -15.95 -29.57
CA SER A 156 -10.86 -16.53 -28.29
C SER A 156 -9.37 -16.28 -28.07
N TYR A 157 -8.95 -16.03 -26.83
CA TYR A 157 -7.52 -15.81 -26.60
C TYR A 157 -6.60 -16.95 -27.08
N LEU A 158 -7.14 -18.16 -27.15
CA LEU A 158 -6.40 -19.35 -27.62
C LEU A 158 -5.94 -19.14 -29.05
N GLN A 159 -6.72 -18.37 -29.81
CA GLN A 159 -6.42 -18.06 -31.23
C GLN A 159 -5.26 -17.07 -31.41
N GLU A 160 -4.67 -16.63 -30.32
CA GLU A 160 -3.56 -15.72 -30.44
C GLU A 160 -2.27 -16.49 -30.31
N PHE A 161 -2.38 -17.81 -30.17
CA PHE A 161 -1.22 -18.65 -30.04
C PHE A 161 -0.87 -19.21 -31.42
N SER A 162 0.41 -19.46 -31.66
CA SER A 162 0.87 -19.97 -32.96
C SER A 162 0.38 -21.40 -33.26
N LYS A 163 0.22 -21.69 -34.54
CA LYS A 163 -0.25 -23.00 -35.02
C LYS A 163 0.45 -24.16 -34.40
N HIS A 164 1.78 -24.13 -34.36
CA HIS A 164 2.56 -25.21 -33.77
C HIS A 164 2.39 -25.33 -32.26
N ILE A 165 2.17 -24.21 -31.56
CA ILE A 165 1.99 -24.24 -30.10
C ILE A 165 0.67 -24.95 -29.81
N LEU A 166 -0.32 -24.66 -30.64
CA LEU A 166 -1.67 -25.22 -30.55
C LEU A 166 -1.70 -26.72 -30.89
N GLU A 167 -1.12 -27.11 -32.03
CA GLU A 167 -1.10 -28.51 -32.43
C GLU A 167 -0.41 -29.33 -31.34
N ALA A 168 0.72 -28.82 -30.84
CA ALA A 168 1.48 -29.48 -29.77
C ALA A 168 0.70 -29.59 -28.45
N SER A 169 0.11 -28.48 -28.02
CA SER A 169 -0.65 -28.49 -26.79
C SER A 169 -1.78 -29.51 -26.82
N PHE A 170 -2.61 -29.46 -27.87
CA PHE A 170 -3.76 -30.37 -27.94
C PHE A 170 -3.46 -31.75 -28.53
N ASN A 171 -2.36 -31.87 -29.26
CA ASN A 171 -2.00 -33.14 -29.90
C ASN A 171 -3.04 -33.42 -31.01
N SER A 172 -3.20 -32.48 -31.93
CA SER A 172 -4.16 -32.57 -33.04
C SER A 172 -3.74 -31.60 -34.14
N LYS A 173 -4.03 -31.93 -35.39
CA LYS A 173 -3.65 -31.07 -36.49
C LYS A 173 -4.44 -29.76 -36.40
N PHE A 174 -3.84 -28.68 -36.86
CA PHE A 174 -4.50 -27.41 -36.73
C PHE A 174 -5.88 -27.42 -37.33
N GLU A 175 -6.12 -28.24 -38.35
CA GLU A 175 -7.45 -28.31 -38.97
C GLU A 175 -8.54 -28.90 -38.08
N GLU A 176 -8.21 -29.92 -37.28
CA GLU A 176 -9.21 -30.50 -36.38
C GLU A 176 -9.57 -29.38 -35.41
N ILE A 177 -8.55 -28.80 -34.81
CA ILE A 177 -8.72 -27.74 -33.81
C ILE A 177 -9.57 -26.58 -34.33
N ASN A 178 -9.32 -26.17 -35.57
CA ASN A 178 -10.10 -25.08 -36.13
C ASN A 178 -11.57 -25.44 -36.23
N ARG A 179 -11.85 -26.65 -36.66
CA ARG A 179 -13.19 -27.18 -36.85
C ARG A 179 -13.94 -27.32 -35.54
N VAL A 180 -13.24 -27.66 -34.49
CA VAL A 180 -13.91 -27.87 -33.21
C VAL A 180 -14.03 -26.60 -32.37
N LEU A 181 -12.98 -25.79 -32.33
CA LEU A 181 -12.98 -24.57 -31.52
C LEU A 181 -13.26 -23.23 -32.18
N PHE A 182 -12.73 -23.04 -33.38
CA PHE A 182 -12.83 -21.75 -34.06
C PHE A 182 -13.64 -21.54 -35.34
N GLU A 183 -13.95 -22.60 -36.05
CA GLU A 183 -14.69 -22.52 -37.31
C GLU A 183 -15.80 -21.47 -37.29
N GLU A 184 -15.73 -20.54 -38.24
CA GLU A 184 -16.70 -19.44 -38.37
C GLU A 184 -18.13 -19.93 -38.31
N GLU A 185 -18.45 -20.91 -39.14
CA GLU A 185 -19.77 -21.49 -39.20
C GLU A 185 -20.11 -22.26 -37.92
N GLY A 186 -20.75 -21.58 -36.98
CA GLY A 186 -21.12 -22.25 -35.75
C GLY A 186 -20.93 -21.37 -34.54
N GLN A 187 -20.12 -20.33 -34.71
CA GLN A 187 -19.87 -19.43 -33.60
C GLN A 187 -21.11 -18.60 -33.31
N GLN A 188 -21.36 -18.36 -32.03
CA GLN A 188 -22.49 -17.54 -31.63
C GLN A 188 -22.18 -16.11 -32.12
N GLU A 189 -23.16 -15.21 -32.05
CA GLU A 189 -22.93 -13.84 -32.48
C GLU A 189 -22.10 -13.01 -31.50
N GLY A 190 -22.29 -13.23 -30.19
CA GLY A 190 -21.56 -12.47 -29.20
C GLY A 190 -21.48 -13.16 -27.87
N VAL A 191 -20.94 -12.47 -26.87
CA VAL A 191 -20.76 -13.00 -25.52
C VAL A 191 -21.99 -13.13 -24.64
N ILE A 192 -23.11 -12.52 -25.02
CA ILE A 192 -24.34 -12.68 -24.24
C ILE A 192 -25.13 -13.63 -25.12
N VAL A 193 -25.66 -14.71 -24.54
CA VAL A 193 -26.37 -15.72 -25.34
C VAL A 193 -27.77 -16.06 -24.83
N ASN A 194 -28.68 -16.29 -25.75
CA ASN A 194 -30.05 -16.67 -25.40
C ASN A 194 -30.08 -18.18 -25.16
N ILE A 195 -30.44 -18.60 -23.95
CA ILE A 195 -30.54 -20.04 -23.66
C ILE A 195 -31.99 -20.46 -23.36
N ASP A 196 -32.25 -21.76 -23.47
CA ASP A 196 -33.58 -22.33 -23.28
C ASP A 196 -33.95 -22.69 -21.85
N SER A 197 -35.16 -22.31 -21.49
CA SER A 197 -35.76 -22.54 -20.18
C SER A 197 -35.49 -23.92 -19.58
N GLU A 198 -35.61 -24.95 -20.39
CA GLU A 198 -35.39 -26.31 -19.93
C GLU A 198 -33.95 -26.53 -19.43
N GLN A 199 -32.97 -25.86 -20.04
CA GLN A 199 -31.58 -26.01 -19.60
C GLN A 199 -31.39 -25.52 -18.15
N ILE A 200 -31.84 -24.31 -17.86
CA ILE A 200 -31.68 -23.70 -16.53
C ILE A 200 -32.53 -24.24 -15.39
N LYS A 201 -33.31 -25.28 -15.67
CA LYS A 201 -34.18 -25.90 -14.68
C LYS A 201 -33.40 -26.57 -13.55
N GLU A 202 -32.56 -27.53 -13.90
CA GLU A 202 -31.75 -28.23 -12.92
C GLU A 202 -30.62 -27.39 -12.29
N LEU A 203 -30.17 -26.37 -13.01
CA LEU A 203 -29.13 -25.48 -12.50
C LEU A 203 -29.73 -24.71 -11.32
N SER A 204 -30.95 -24.20 -11.46
CA SER A 204 -31.60 -23.48 -10.36
C SER A 204 -31.63 -24.27 -9.07
N LYS A 205 -32.12 -25.52 -9.15
CA LYS A 205 -32.19 -26.38 -7.97
C LYS A 205 -30.84 -26.51 -7.31
N HIS A 206 -29.87 -27.04 -8.06
CA HIS A 206 -28.51 -27.21 -7.58
C HIS A 206 -27.98 -25.90 -6.98
N ALA A 207 -28.06 -24.82 -7.74
CA ALA A 207 -27.59 -23.51 -7.29
C ALA A 207 -28.28 -23.08 -6.00
N LYS A 208 -29.62 -23.09 -5.98
CA LYS A 208 -30.39 -22.69 -4.80
C LYS A 208 -30.15 -23.51 -3.55
N SER A 209 -29.59 -24.69 -3.69
CA SER A 209 -29.30 -25.52 -2.53
C SER A 209 -27.87 -25.26 -2.01
N SER A 210 -27.15 -24.41 -2.73
CA SER A 210 -25.80 -24.00 -2.38
C SER A 210 -25.99 -22.49 -2.23
N ASN A 220 -27.72 -5.03 8.99
CA ASN A 220 -28.76 -4.31 9.73
C ASN A 220 -29.38 -3.11 9.01
N THR A 221 -30.71 -3.03 9.09
CA THR A 221 -31.45 -1.95 8.47
C THR A 221 -31.81 -0.87 9.48
N ILE A 222 -31.79 0.37 9.02
CA ILE A 222 -32.15 1.53 9.80
C ILE A 222 -33.09 2.24 8.83
N GLY A 223 -34.17 2.79 9.32
CA GLY A 223 -35.09 3.48 8.44
C GLY A 223 -36.45 3.66 9.07
N ASN A 224 -37.42 4.03 8.25
CA ASN A 224 -38.77 4.28 8.72
C ASN A 224 -39.67 4.49 7.51
N GLU A 225 -40.76 5.21 7.66
CA GLU A 225 -41.64 5.41 6.52
C GLU A 225 -41.03 6.26 5.42
N PHE A 226 -39.99 7.02 5.73
CA PHE A 226 -39.40 7.88 4.73
C PHE A 226 -38.21 7.30 3.94
N GLY A 227 -37.63 6.23 4.46
CA GLY A 227 -36.51 5.62 3.77
C GLY A 227 -35.83 4.58 4.63
N ASN A 228 -35.09 3.70 3.98
CA ASN A 228 -34.39 2.65 4.69
C ASN A 228 -32.94 2.51 4.20
N LEU A 229 -32.07 2.09 5.11
CA LEU A 229 -30.65 1.89 4.85
C LEU A 229 -30.20 0.50 5.34
N THR A 230 -29.56 -0.25 4.45
CA THR A 230 -29.07 -1.58 4.76
C THR A 230 -27.61 -1.64 4.39
N GLU A 231 -26.75 -1.86 5.40
CA GLU A 231 -25.28 -1.90 5.21
C GLU A 231 -24.63 -3.24 5.56
N ARG A 232 -23.63 -3.65 4.78
CA ARG A 232 -22.90 -4.90 5.00
C ARG A 232 -21.41 -4.62 4.83
N THR A 233 -20.58 -5.07 5.78
CA THR A 233 -19.13 -4.86 5.69
C THR A 233 -18.36 -6.17 5.47
N ASP A 234 -17.54 -6.22 4.41
CA ASP A 234 -16.72 -7.40 4.13
C ASP A 234 -15.38 -7.16 4.76
N ASN A 235 -15.24 -7.63 5.99
CA ASN A 235 -14.05 -7.52 6.83
C ASN A 235 -12.67 -7.76 6.17
N SER A 236 -12.56 -8.84 5.40
CA SER A 236 -11.32 -9.17 4.71
C SER A 236 -11.03 -8.19 3.57
N LEU A 237 -12.07 -7.76 2.85
CA LEU A 237 -11.91 -6.80 1.77
C LEU A 237 -11.84 -5.37 2.34
N ASN A 238 -12.38 -5.18 3.55
CA ASN A 238 -12.37 -3.87 4.21
C ASN A 238 -13.15 -2.89 3.34
N VAL A 239 -14.32 -3.35 2.88
CA VAL A 239 -15.21 -2.60 2.00
C VAL A 239 -16.67 -2.85 2.41
N LEU A 240 -17.52 -1.84 2.33
CA LEU A 240 -18.90 -2.08 2.72
C LEU A 240 -19.93 -1.76 1.64
N ILE A 241 -21.04 -2.49 1.62
CA ILE A 241 -22.12 -2.28 0.65
C ILE A 241 -23.35 -1.74 1.38
N SER A 242 -23.96 -0.71 0.78
CA SER A 242 -25.14 -0.05 1.33
C SER A 242 -26.25 -0.04 0.30
N SER A 243 -27.46 -0.39 0.72
CA SER A 243 -28.60 -0.34 -0.18
C SER A 243 -29.47 0.77 0.40
N ILE A 244 -29.89 1.72 -0.43
CA ILE A 244 -30.69 2.86 0.04
C ILE A 244 -31.94 3.14 -0.78
N GLU A 245 -33.08 3.17 -0.07
CA GLU A 245 -34.35 3.46 -0.70
C GLU A 245 -35.01 4.56 0.15
N MET A 246 -35.47 5.61 -0.52
CA MET A 246 -36.12 6.73 0.14
C MET A 246 -37.36 7.04 -0.68
N GLU A 247 -38.48 7.31 -0.01
CA GLU A 247 -39.69 7.63 -0.77
C GLU A 247 -39.55 9.06 -1.27
N GLU A 248 -40.39 9.48 -2.19
CA GLU A 248 -40.28 10.84 -2.69
C GLU A 248 -40.46 11.95 -1.63
N GLY A 249 -39.56 12.93 -1.67
CA GLY A 249 -39.60 14.05 -0.72
C GLY A 249 -38.87 13.84 0.58
N ALA A 250 -38.34 12.62 0.78
CA ALA A 250 -37.60 12.26 1.98
C ALA A 250 -36.22 12.90 1.95
N LEU A 251 -35.68 13.16 3.14
CA LEU A 251 -34.37 13.77 3.31
C LEU A 251 -33.52 12.91 4.22
N PHE A 252 -32.27 12.70 3.82
CA PHE A 252 -31.29 11.97 4.60
C PHE A 252 -30.48 13.14 5.14
N VAL A 253 -30.83 13.54 6.35
CA VAL A 253 -30.22 14.68 7.04
C VAL A 253 -28.68 14.72 7.03
N PRO A 254 -28.10 15.92 7.22
CA PRO A 254 -26.65 16.13 7.25
C PRO A 254 -25.91 15.09 8.11
N HIS A 255 -24.96 14.40 7.50
CA HIS A 255 -24.18 13.37 8.19
C HIS A 255 -22.80 13.23 7.55
N TYR A 256 -21.97 12.36 8.11
CA TYR A 256 -20.64 12.09 7.54
C TYR A 256 -20.19 10.74 8.09
N TYR A 257 -19.18 10.15 7.44
CA TYR A 257 -18.62 8.85 7.84
C TYR A 257 -17.17 9.13 8.20
N SER A 258 -16.79 8.75 9.41
CA SER A 258 -15.46 8.99 9.91
C SER A 258 -14.27 8.67 9.03
N LYS A 259 -14.29 7.48 8.40
CA LYS A 259 -13.16 7.02 7.55
C LYS A 259 -13.41 6.39 6.18
N ALA A 260 -14.59 5.85 5.94
CA ALA A 260 -14.93 5.22 4.65
C ALA A 260 -15.16 6.24 3.55
N ILE A 261 -14.52 6.11 2.39
CA ILE A 261 -14.78 7.05 1.29
C ILE A 261 -15.91 6.37 0.51
N VAL A 262 -17.01 7.08 0.28
CA VAL A 262 -18.18 6.46 -0.33
C VAL A 262 -18.49 6.72 -1.81
N ILE A 263 -18.82 5.66 -2.54
CA ILE A 263 -19.19 5.75 -3.96
C ILE A 263 -20.67 5.42 -4.13
N LEU A 264 -21.48 6.43 -4.45
CA LEU A 264 -22.93 6.24 -4.66
C LEU A 264 -23.29 6.04 -6.13
N VAL A 265 -24.28 5.19 -6.37
CA VAL A 265 -24.75 4.88 -7.71
C VAL A 265 -26.28 4.92 -7.64
N VAL A 266 -26.90 5.65 -8.57
CA VAL A 266 -28.37 5.71 -8.61
C VAL A 266 -28.84 4.50 -9.44
N ASN A 267 -29.68 3.64 -8.87
CA ASN A 267 -30.21 2.48 -9.58
C ASN A 267 -31.42 2.88 -10.41
N GLU A 268 -32.26 3.73 -9.82
CA GLU A 268 -33.48 4.21 -10.43
C GLU A 268 -33.94 5.42 -9.62
N GLY A 269 -34.57 6.40 -10.27
CA GLY A 269 -35.04 7.57 -9.56
C GLY A 269 -34.21 8.83 -9.75
N GLU A 270 -34.50 9.85 -8.94
CA GLU A 270 -33.81 11.15 -8.98
C GLU A 270 -33.56 11.70 -7.57
N ALA A 271 -32.44 12.41 -7.40
CA ALA A 271 -32.10 12.98 -6.10
C ALA A 271 -31.25 14.24 -6.19
N HIS A 272 -31.33 15.06 -5.15
CA HIS A 272 -30.57 16.30 -5.03
C HIS A 272 -29.59 16.14 -3.87
N VAL A 273 -28.32 16.42 -4.12
CA VAL A 273 -27.30 16.25 -3.09
C VAL A 273 -26.44 17.51 -2.83
N GLU A 274 -25.97 17.63 -1.59
CA GLU A 274 -25.09 18.73 -1.23
C GLU A 274 -23.96 18.14 -0.39
N LEU A 275 -22.71 18.37 -0.79
CA LEU A 275 -21.55 17.87 -0.08
C LEU A 275 -20.75 19.10 0.28
N VAL A 276 -20.19 19.12 1.48
CA VAL A 276 -19.38 20.26 1.92
C VAL A 276 -17.95 19.81 2.02
N GLY A 277 -17.03 20.66 1.57
CA GLY A 277 -15.64 20.31 1.64
C GLY A 277 -14.82 21.57 1.46
N PRO A 278 -13.49 21.44 1.29
CA PRO A 278 -12.54 22.53 1.10
C PRO A 278 -12.76 23.32 -0.20
N LYS A 279 -12.76 24.65 -0.05
CA LYS A 279 -12.95 25.54 -1.18
C LYS A 279 -11.72 25.49 -2.05
N GLY A 280 -11.74 24.66 -3.09
CA GLY A 280 -10.61 24.55 -3.98
C GLY A 280 -9.49 23.67 -3.45
N GLU A 283 -5.90 23.83 1.28
CA GLU A 283 -5.62 23.74 2.72
C GLU A 283 -5.90 25.04 3.50
N THR A 284 -7.13 25.18 3.99
CA THR A 284 -7.57 26.36 4.74
C THR A 284 -8.82 26.04 5.58
N LEU A 285 -9.54 27.05 6.04
CA LEU A 285 -10.74 26.83 6.82
C LEU A 285 -12.00 27.20 6.04
N GLU A 286 -11.82 27.69 4.81
CA GLU A 286 -12.94 28.06 3.93
C GLU A 286 -13.61 26.86 3.27
N TYR A 287 -14.93 26.77 3.37
CA TYR A 287 -15.65 25.64 2.76
C TYR A 287 -16.28 26.03 1.43
N GLU A 288 -16.99 25.08 0.85
CA GLU A 288 -17.65 25.27 -0.44
C GLU A 288 -18.74 24.22 -0.46
N SER A 289 -19.83 24.50 -1.16
CA SER A 289 -20.93 23.54 -1.29
C SER A 289 -20.85 22.93 -2.68
N TYR A 290 -20.92 21.60 -2.75
CA TYR A 290 -20.87 20.88 -4.02
C TYR A 290 -22.23 20.22 -4.16
N ARG A 291 -23.14 20.86 -4.85
CA ARG A 291 -24.48 20.30 -4.99
C ARG A 291 -24.58 19.60 -6.34
N ALA A 292 -25.64 18.82 -6.54
CA ALA A 292 -25.82 18.11 -7.81
C ALA A 292 -27.19 17.46 -7.91
N GLU A 293 -27.73 17.41 -9.13
CA GLU A 293 -29.03 16.78 -9.37
C GLU A 293 -28.78 15.40 -10.01
N LEU A 294 -28.95 14.35 -9.19
CA LEU A 294 -28.71 12.97 -9.61
C LEU A 294 -29.86 12.22 -10.25
N SER A 295 -29.51 11.29 -11.13
CA SER A 295 -30.48 10.43 -11.83
C SER A 295 -29.82 9.05 -12.10
N LYS A 296 -30.56 8.12 -12.68
CA LYS A 296 -30.04 6.77 -12.95
C LYS A 296 -28.62 6.67 -13.53
N ASP A 297 -27.85 5.74 -12.98
CA ASP A 297 -26.47 5.45 -13.35
C ASP A 297 -25.47 6.54 -13.11
N ASP A 298 -25.91 7.67 -12.53
CA ASP A 298 -24.98 8.75 -12.20
C ASP A 298 -24.20 8.23 -11.01
N VAL A 299 -22.95 8.63 -10.88
CA VAL A 299 -22.10 8.22 -9.76
C VAL A 299 -21.68 9.48 -9.03
N PHE A 300 -21.54 9.37 -7.70
CA PHE A 300 -21.14 10.50 -6.83
C PHE A 300 -20.23 10.00 -5.70
N VAL A 301 -19.08 10.65 -5.56
CA VAL A 301 -18.07 10.32 -4.56
C VAL A 301 -18.20 11.19 -3.31
N ILE A 302 -18.39 10.53 -2.17
CA ILE A 302 -18.50 11.21 -0.90
C ILE A 302 -17.20 10.91 -0.15
N PRO A 303 -16.27 11.87 -0.11
CA PRO A 303 -14.99 11.73 0.57
C PRO A 303 -15.16 11.52 2.09
N ALA A 304 -14.26 10.78 2.72
CA ALA A 304 -14.35 10.52 4.15
C ALA A 304 -14.26 11.79 4.97
N ALA A 305 -15.22 11.98 5.88
CA ALA A 305 -15.32 13.13 6.80
C ALA A 305 -15.99 14.39 6.25
N TYR A 306 -16.38 14.35 4.99
CA TYR A 306 -17.04 15.47 4.36
C TYR A 306 -18.54 15.36 4.61
N PRO A 307 -19.15 16.43 5.16
CA PRO A 307 -20.59 16.44 5.45
C PRO A 307 -21.43 16.37 4.15
N VAL A 308 -22.54 15.64 4.21
CA VAL A 308 -23.37 15.46 3.04
C VAL A 308 -24.85 15.26 3.43
N ALA A 309 -25.75 15.68 2.54
CA ALA A 309 -27.19 15.58 2.74
C ALA A 309 -27.83 15.16 1.43
N ILE A 310 -28.84 14.29 1.49
CA ILE A 310 -29.51 13.80 0.28
C ILE A 310 -31.02 14.03 0.32
N LYS A 311 -31.55 14.70 -0.69
CA LYS A 311 -32.96 14.97 -0.74
C LYS A 311 -33.54 14.22 -1.93
N ALA A 312 -34.55 13.41 -1.69
CA ALA A 312 -35.14 12.63 -2.75
C ALA A 312 -36.15 13.39 -3.60
N THR A 313 -35.81 13.59 -4.87
CA THR A 313 -36.70 14.26 -5.81
C THR A 313 -37.86 13.34 -6.24
N SER A 314 -37.65 12.03 -6.25
CA SER A 314 -38.72 11.11 -6.58
C SER A 314 -38.42 9.88 -5.75
N ASN A 315 -39.13 8.78 -6.00
CA ASN A 315 -38.82 7.56 -5.27
C ASN A 315 -37.49 7.13 -5.89
N VAL A 316 -36.50 6.89 -5.03
CA VAL A 316 -35.17 6.56 -5.51
C VAL A 316 -34.46 5.45 -4.73
N ASN A 317 -33.67 4.66 -5.45
CA ASN A 317 -32.93 3.55 -4.87
C ASN A 317 -31.45 3.65 -5.27
N PHE A 318 -30.56 3.57 -4.29
CA PHE A 318 -29.12 3.68 -4.51
C PHE A 318 -28.42 2.41 -4.10
N THR A 319 -27.18 2.28 -4.56
CA THR A 319 -26.29 1.20 -4.20
C THR A 319 -24.98 1.91 -3.88
N GLY A 320 -24.36 1.58 -2.76
CA GLY A 320 -23.12 2.24 -2.38
C GLY A 320 -21.99 1.30 -2.06
N PHE A 321 -20.77 1.77 -2.32
CA PHE A 321 -19.58 1.00 -2.01
C PHE A 321 -18.73 1.89 -1.15
N GLY A 322 -18.48 1.50 0.10
CA GLY A 322 -17.64 2.30 0.96
C GLY A 322 -16.29 1.64 1.08
N ILE A 323 -15.20 2.31 0.70
CA ILE A 323 -13.88 1.68 0.83
C ILE A 323 -13.04 2.23 2.01
N ASN A 324 -12.26 1.35 2.65
CA ASN A 324 -11.44 1.71 3.83
C ASN A 324 -12.52 1.89 4.86
N ALA A 325 -13.23 0.79 5.10
CA ALA A 325 -14.37 0.78 6.00
C ALA A 325 -14.23 0.19 7.41
N ASN A 326 -13.29 -0.72 7.65
CA ASN A 326 -13.17 -1.33 8.96
C ASN A 326 -13.06 -0.27 10.03
N ASN A 327 -14.02 -0.26 10.94
CA ASN A 327 -14.09 0.69 12.06
C ASN A 327 -14.67 2.09 11.77
N ASN A 328 -15.27 2.27 10.61
CA ASN A 328 -15.90 3.53 10.22
C ASN A 328 -17.11 3.80 11.10
N ASN A 329 -17.37 5.09 11.36
CA ASN A 329 -18.50 5.54 12.17
C ASN A 329 -19.40 6.48 11.39
N ARG A 330 -20.67 6.45 11.75
CA ARG A 330 -21.67 7.26 11.09
C ARG A 330 -22.03 8.44 11.98
N ASN A 331 -21.52 9.62 11.64
CA ASN A 331 -21.82 10.78 12.45
C ASN A 331 -22.98 11.58 11.88
N LEU A 332 -24.05 11.70 12.67
CA LEU A 332 -25.19 12.48 12.23
C LEU A 332 -25.22 13.83 12.96
N LEU A 333 -25.72 14.84 12.26
CA LEU A 333 -25.79 16.20 12.76
C LEU A 333 -27.23 16.70 13.07
N ALA A 334 -28.21 15.80 12.96
CA ALA A 334 -29.60 16.12 13.24
C ALA A 334 -30.40 14.87 13.57
N GLY A 335 -31.42 15.00 14.42
CA GLY A 335 -32.26 13.87 14.79
C GLY A 335 -31.91 13.13 16.07
N LYS A 336 -32.67 12.08 16.38
CA LYS A 336 -32.49 11.28 17.59
C LYS A 336 -31.42 10.20 17.62
N THR A 337 -31.10 9.57 16.49
CA THR A 337 -30.07 8.53 16.52
C THR A 337 -28.74 8.96 15.89
N ASP A 338 -27.64 8.58 16.56
CA ASP A 338 -26.28 8.88 16.11
C ASP A 338 -25.97 10.36 15.88
N ASN A 339 -26.50 11.24 16.73
CA ASN A 339 -26.23 12.68 16.60
C ASN A 339 -24.98 13.07 17.43
N VAL A 340 -23.93 13.51 16.74
CA VAL A 340 -22.70 13.90 17.43
C VAL A 340 -22.94 15.06 18.36
N ILE A 341 -23.62 16.09 17.81
CA ILE A 341 -23.93 17.31 18.55
C ILE A 341 -24.56 17.05 19.92
N SER A 342 -25.53 16.15 20.00
CA SER A 342 -26.14 15.85 21.29
C SER A 342 -25.12 15.19 22.22
N SER A 343 -24.21 14.40 21.64
CA SER A 343 -23.18 13.73 22.42
C SER A 343 -22.20 14.74 23.01
N ILE A 344 -21.86 15.80 22.27
CA ILE A 344 -20.96 16.82 22.82
C ILE A 344 -21.65 17.44 24.05
N GLY A 345 -22.97 17.58 23.99
CA GLY A 345 -23.70 18.14 25.09
C GLY A 345 -23.67 17.29 26.33
N ARG A 346 -23.63 15.97 26.16
CA ARG A 346 -23.62 15.07 27.30
C ARG A 346 -22.26 14.83 27.90
N ALA A 347 -21.25 15.49 27.37
CA ALA A 347 -19.91 15.35 27.89
C ALA A 347 -19.89 16.11 29.24
N LEU A 348 -18.77 16.06 29.96
CA LEU A 348 -18.63 16.71 31.25
C LEU A 348 -19.15 18.12 31.29
N ASP A 349 -18.57 19.00 30.50
CA ASP A 349 -19.06 20.35 30.50
C ASP A 349 -19.56 20.54 29.08
N GLY A 350 -20.30 19.54 28.60
CA GLY A 350 -20.84 19.58 27.26
C GLY A 350 -21.51 20.90 26.94
N LYS A 351 -22.43 21.31 27.81
CA LYS A 351 -23.15 22.56 27.64
C LYS A 351 -22.22 23.77 27.49
N ASP A 352 -21.16 23.84 28.30
CA ASP A 352 -20.23 24.97 28.22
C ASP A 352 -19.49 24.94 26.87
N VAL A 353 -19.07 23.76 26.44
CA VAL A 353 -18.38 23.63 25.16
C VAL A 353 -19.33 24.07 24.06
N LEU A 354 -20.53 23.49 24.02
CA LEU A 354 -21.52 23.83 23.01
C LEU A 354 -21.82 25.31 23.10
N GLY A 355 -21.73 25.83 24.33
CA GLY A 355 -21.97 27.24 24.55
C GLY A 355 -20.98 28.09 23.79
N LEU A 356 -19.72 27.68 23.82
CA LEU A 356 -18.66 28.42 23.13
C LEU A 356 -18.55 28.08 21.66
N THR A 357 -19.20 27.00 21.25
CA THR A 357 -19.16 26.55 19.87
C THR A 357 -20.14 27.29 18.97
N PHE A 358 -21.30 27.64 19.55
CA PHE A 358 -22.36 28.35 18.82
C PHE A 358 -22.71 29.67 19.49
N SER A 359 -23.52 30.48 18.80
CA SER A 359 -23.95 31.77 19.35
C SER A 359 -24.77 31.55 20.60
N GLY A 360 -25.78 30.70 20.49
CA GLY A 360 -26.63 30.42 21.63
C GLY A 360 -25.94 29.81 22.84
N SER A 361 -26.68 29.70 23.93
CA SER A 361 -26.15 29.12 25.14
C SER A 361 -26.24 27.60 24.94
N GLY A 362 -25.61 26.84 25.82
CA GLY A 362 -25.66 25.38 25.72
C GLY A 362 -27.06 24.79 25.92
N ASP A 363 -27.83 25.41 26.82
CA ASP A 363 -29.21 25.01 27.13
C ASP A 363 -30.05 25.22 25.88
N GLU A 364 -29.82 26.35 25.21
CA GLU A 364 -30.54 26.72 23.99
C GLU A 364 -30.26 25.79 22.81
N VAL A 365 -28.99 25.57 22.47
CA VAL A 365 -28.69 24.70 21.34
C VAL A 365 -29.09 23.25 21.62
N MET A 366 -29.06 22.89 22.90
CA MET A 366 -29.44 21.55 23.36
C MET A 366 -30.95 21.35 23.15
N LYS A 367 -31.72 22.37 23.49
CA LYS A 367 -33.17 22.34 23.31
C LYS A 367 -33.50 22.36 21.83
N LEU A 368 -32.68 23.07 21.03
CA LEU A 368 -32.89 23.15 19.58
C LEU A 368 -32.78 21.75 19.00
N ILE A 369 -31.63 21.13 19.23
CA ILE A 369 -31.36 19.80 18.74
C ILE A 369 -32.49 18.82 19.05
N ASN A 370 -33.30 19.14 20.05
CA ASN A 370 -34.41 18.25 20.42
C ASN A 370 -35.74 18.33 19.71
N LYS A 371 -35.93 19.31 18.82
CA LYS A 371 -37.22 19.48 18.14
C LYS A 371 -37.55 18.40 17.11
N GLN A 372 -36.52 17.81 16.52
CA GLN A 372 -36.68 16.79 15.48
C GLN A 372 -36.75 15.39 16.09
N SER A 373 -37.93 14.80 16.06
CA SER A 373 -38.10 13.47 16.63
C SER A 373 -37.56 12.37 15.72
N GLY A 374 -37.36 12.71 14.45
CA GLY A 374 -36.89 11.73 13.48
C GLY A 374 -35.45 11.29 13.65
N SER A 375 -35.09 10.23 12.94
CA SER A 375 -33.74 9.66 12.94
C SER A 375 -33.34 9.28 11.51
N TYR A 376 -32.20 9.81 11.06
CA TYR A 376 -31.69 9.53 9.71
C TYR A 376 -32.49 10.11 8.55
N PHE A 377 -33.69 9.57 8.32
CA PHE A 377 -34.55 10.01 7.22
C PHE A 377 -35.67 10.87 7.78
N VAL A 378 -35.92 11.97 7.09
CA VAL A 378 -36.90 12.95 7.54
C VAL A 378 -37.85 13.42 6.42
N ASP A 379 -39.00 13.98 6.80
CA ASP A 379 -39.95 14.46 5.81
C ASP A 379 -39.42 15.81 5.40
N ALA A 380 -39.30 16.06 4.11
CA ALA A 380 -38.86 17.35 3.57
C ALA A 380 -39.53 17.50 2.22
N HIS A 381 -40.83 17.19 2.18
CA HIS A 381 -41.64 17.23 0.96
C HIS A 381 -41.87 18.66 0.48
N ASP B 11 21.60 22.89 -2.36
CA ASP B 11 20.31 22.35 -1.93
C ASP B 11 20.46 21.02 -1.19
N ASN B 12 20.17 21.04 0.11
CA ASN B 12 20.22 19.86 0.94
C ASN B 12 18.76 19.49 0.95
N PRO B 13 18.38 18.50 0.16
CA PRO B 13 16.97 18.10 0.11
C PRO B 13 16.32 17.46 1.33
N PHE B 14 17.09 17.25 2.40
CA PHE B 14 16.55 16.63 3.62
C PHE B 14 16.33 17.62 4.75
N TYR B 15 16.79 18.85 4.55
CA TYR B 15 16.65 19.89 5.57
C TYR B 15 15.52 20.82 5.21
N PHE B 16 14.58 21.00 6.14
CA PHE B 16 13.43 21.88 5.97
C PHE B 16 13.54 23.08 6.93
N ASN B 17 14.00 24.22 6.42
CA ASN B 17 14.11 25.43 7.26
C ASN B 17 12.74 25.91 7.74
N SER B 18 12.66 26.32 9.00
CA SER B 18 11.39 26.79 9.57
C SER B 18 10.89 28.05 8.87
N ASP B 19 11.81 28.89 8.39
CA ASP B 19 11.43 30.13 7.72
C ASP B 19 10.74 29.93 6.39
N ASN B 20 10.45 28.69 6.02
CA ASN B 20 9.78 28.43 4.74
C ASN B 20 8.80 27.30 4.82
N SER B 21 9.24 26.21 5.43
CA SER B 21 8.46 24.99 5.50
C SER B 21 7.09 24.89 6.17
N TRP B 22 6.83 25.70 7.20
CA TRP B 22 5.53 25.64 7.87
C TRP B 22 4.53 26.63 7.27
N ASN B 23 3.25 26.31 7.34
CA ASN B 23 2.21 27.16 6.79
C ASN B 23 1.21 27.46 7.85
N THR B 24 0.97 28.74 8.09
CA THR B 24 0.03 29.16 9.12
C THR B 24 -1.35 28.79 8.68
N LEU B 25 -2.09 28.13 9.57
CA LEU B 25 -3.46 27.75 9.30
C LEU B 25 -4.33 28.68 10.17
N PHE B 26 -3.92 28.86 11.42
CA PHE B 26 -4.65 29.72 12.33
C PHE B 26 -3.71 30.36 13.32
N LYS B 27 -4.10 31.52 13.83
CA LYS B 27 -3.29 32.26 14.78
C LYS B 27 -4.11 33.42 15.36
N ASN B 28 -3.95 33.68 16.65
CA ASN B 28 -4.63 34.80 17.31
C ASN B 28 -3.86 35.02 18.58
N GLN B 29 -4.31 35.92 19.44
CA GLN B 29 -3.57 36.18 20.66
C GLN B 29 -3.35 34.96 21.57
N TYR B 30 -4.22 33.96 21.45
CA TYR B 30 -4.18 32.75 22.28
C TYR B 30 -3.41 31.52 21.78
N GLY B 31 -3.00 31.52 20.52
CA GLY B 31 -2.26 30.40 19.98
C GLY B 31 -2.23 30.37 18.47
N HIS B 32 -1.70 29.28 17.92
CA HIS B 32 -1.58 29.12 16.47
C HIS B 32 -1.51 27.65 16.04
N ILE B 33 -1.80 27.42 14.75
CA ILE B 33 -1.75 26.10 14.10
C ILE B 33 -1.05 26.25 12.73
N ARG B 34 -0.04 25.42 12.46
CA ARG B 34 0.71 25.47 11.20
C ARG B 34 0.89 24.02 10.71
N VAL B 35 0.99 23.84 9.40
CA VAL B 35 1.19 22.51 8.80
C VAL B 35 2.50 22.55 8.01
N LEU B 36 3.27 21.46 8.01
CA LEU B 36 4.50 21.45 7.24
C LEU B 36 4.14 21.07 5.80
N GLN B 37 4.90 21.62 4.85
CA GLN B 37 4.68 21.35 3.43
C GLN B 37 5.00 19.91 3.01
N ARG B 38 4.28 19.42 1.99
CA ARG B 38 4.47 18.08 1.44
C ARG B 38 5.96 17.81 1.27
N PHE B 39 6.37 16.62 1.68
CA PHE B 39 7.77 16.21 1.58
C PHE B 39 8.17 15.98 0.15
N ASP B 40 7.37 15.19 -0.55
CA ASP B 40 7.65 14.85 -1.95
C ASP B 40 7.67 16.04 -2.90
N GLN B 41 7.15 17.17 -2.45
CA GLN B 41 7.12 18.32 -3.31
C GLN B 41 8.48 18.98 -3.27
N GLN B 42 9.15 18.83 -2.13
CA GLN B 42 10.50 19.36 -1.93
C GLN B 42 11.49 18.53 -2.76
N SER B 43 11.26 17.23 -2.81
CA SER B 43 12.15 16.35 -3.53
C SER B 43 11.46 15.05 -3.80
N LYS B 44 11.73 14.49 -4.98
CA LYS B 44 11.15 13.21 -5.38
C LYS B 44 11.90 12.05 -4.69
N ARG B 45 13.02 12.38 -4.05
CA ARG B 45 13.86 11.44 -3.31
C ARG B 45 13.17 11.11 -2.01
N LEU B 46 12.17 11.91 -1.68
CA LEU B 46 11.39 11.73 -0.47
C LEU B 46 9.98 11.32 -0.86
N GLN B 47 9.83 10.55 -1.95
CA GLN B 47 8.49 10.16 -2.35
C GLN B 47 7.83 9.15 -1.47
N ASN B 48 8.60 8.40 -0.69
CA ASN B 48 7.94 7.47 0.17
C ASN B 48 7.37 8.13 1.43
N LEU B 49 7.46 9.47 1.49
CA LEU B 49 6.90 10.25 2.59
C LEU B 49 5.71 11.10 2.14
N GLU B 50 5.26 10.86 0.91
CA GLU B 50 4.12 11.58 0.30
C GLU B 50 2.84 11.60 1.14
N ASP B 51 2.53 10.43 1.70
CA ASP B 51 1.36 10.19 2.54
C ASP B 51 1.44 10.66 4.00
N TYR B 52 2.51 11.36 4.37
CA TYR B 52 2.63 11.85 5.73
C TYR B 52 2.80 13.34 5.82
N ARG B 53 2.13 13.96 6.80
CA ARG B 53 2.23 15.40 6.99
C ARG B 53 2.41 15.76 8.46
N LEU B 54 3.03 16.91 8.73
CA LEU B 54 3.22 17.34 10.10
C LEU B 54 2.39 18.56 10.48
N VAL B 55 1.82 18.53 11.69
CA VAL B 55 1.00 19.65 12.20
C VAL B 55 1.49 20.02 13.60
N GLU B 56 1.67 21.32 13.81
CA GLU B 56 2.17 21.87 15.06
C GLU B 56 1.11 22.82 15.67
N PHE B 57 1.01 22.83 16.99
CA PHE B 57 -0.01 23.62 17.68
C PHE B 57 0.55 24.23 18.93
N ARG B 58 0.15 25.47 19.21
CA ARG B 58 0.61 26.17 20.40
C ARG B 58 -0.47 27.03 21.00
N SER B 59 -0.60 27.00 22.32
CA SER B 59 -1.60 27.85 22.98
C SER B 59 -1.19 28.36 24.38
N LYS B 60 -1.72 29.52 24.73
CA LYS B 60 -1.43 30.15 26.01
C LYS B 60 -2.21 29.37 27.07
N PRO B 61 -1.93 29.63 28.36
CA PRO B 61 -2.59 28.95 29.47
C PRO B 61 -4.11 29.16 29.52
N GLU B 62 -4.80 28.15 30.02
CA GLU B 62 -6.25 28.13 30.16
C GLU B 62 -6.99 28.55 28.88
N THR B 63 -6.98 27.66 27.91
CA THR B 63 -7.63 27.87 26.61
C THR B 63 -8.26 26.59 26.12
N LEU B 64 -9.16 26.73 25.15
CA LEU B 64 -9.84 25.58 24.58
C LEU B 64 -9.89 25.69 23.06
N LEU B 65 -9.54 24.59 22.39
CA LEU B 65 -9.61 24.51 20.94
C LEU B 65 -11.01 23.91 20.72
N LEU B 66 -11.85 24.65 20.01
CA LEU B 66 -13.22 24.23 19.70
C LEU B 66 -13.34 22.94 18.81
N PRO B 67 -14.48 22.21 18.94
CA PRO B 67 -14.79 20.98 18.22
C PRO B 67 -14.51 21.01 16.74
N GLN B 68 -13.90 19.92 16.26
CA GLN B 68 -13.58 19.71 14.86
C GLN B 68 -13.36 18.22 14.62
N GLN B 69 -13.18 17.87 13.36
CA GLN B 69 -12.86 16.51 12.88
C GLN B 69 -12.04 16.70 11.60
N ALA B 70 -10.93 15.99 11.46
CA ALA B 70 -10.11 16.11 10.25
C ALA B 70 -10.17 14.80 9.48
N ASP B 71 -9.80 14.83 8.20
CA ASP B 71 -9.84 13.60 7.42
C ASP B 71 -8.49 12.89 7.42
N ALA B 72 -7.85 12.80 8.58
CA ALA B 72 -6.55 12.16 8.70
C ALA B 72 -6.41 11.47 10.05
N GLU B 73 -5.53 10.48 10.11
CA GLU B 73 -5.27 9.77 11.33
C GLU B 73 -4.19 10.64 12.03
N LEU B 74 -4.39 11.01 13.29
CA LEU B 74 -3.42 11.85 13.99
C LEU B 74 -2.79 11.12 15.15
N LEU B 75 -1.51 11.37 15.34
CA LEU B 75 -0.76 10.81 16.44
C LEU B 75 -0.29 12.09 17.13
N LEU B 76 -1.01 12.48 18.17
CA LEU B 76 -0.71 13.69 18.91
C LEU B 76 0.35 13.55 20.00
N VAL B 77 1.43 14.33 19.90
CA VAL B 77 2.48 14.32 20.93
C VAL B 77 2.57 15.68 21.65
N VAL B 78 2.65 15.65 22.97
CA VAL B 78 2.78 16.90 23.74
C VAL B 78 4.28 17.08 24.03
N ARG B 79 4.88 18.10 23.40
CA ARG B 79 6.30 18.38 23.56
C ARG B 79 6.57 19.43 24.65
N SER B 80 5.55 19.81 25.40
CA SER B 80 5.69 20.78 26.49
C SER B 80 4.35 21.12 27.08
N GLY B 81 4.27 21.01 28.40
CA GLY B 81 3.05 21.33 29.12
C GLY B 81 2.14 20.17 29.40
N SER B 82 0.86 20.47 29.62
CA SER B 82 -0.18 19.48 29.89
C SER B 82 -1.37 19.71 28.98
N ALA B 83 -2.27 18.75 28.90
CA ALA B 83 -3.43 18.92 28.04
C ALA B 83 -4.56 17.98 28.36
N ILE B 84 -5.79 18.47 28.18
CA ILE B 84 -6.96 17.63 28.38
C ILE B 84 -7.59 17.39 27.02
N LEU B 85 -7.62 16.13 26.63
CA LEU B 85 -8.18 15.71 25.36
C LEU B 85 -9.45 14.89 25.54
N VAL B 86 -10.53 15.33 24.89
CA VAL B 86 -11.77 14.57 24.93
C VAL B 86 -12.24 14.28 23.50
N LEU B 87 -12.35 12.98 23.20
CA LEU B 87 -12.79 12.49 21.92
C LEU B 87 -14.26 12.14 22.12
N VAL B 88 -15.10 12.56 21.17
CA VAL B 88 -16.56 12.34 21.19
C VAL B 88 -17.06 11.35 20.12
N LYS B 89 -17.84 10.37 20.57
CA LYS B 89 -18.37 9.34 19.70
C LYS B 89 -19.84 9.60 19.42
N PRO B 90 -20.28 9.40 18.16
CA PRO B 90 -21.66 9.61 17.69
C PRO B 90 -22.72 8.82 18.41
N ASP B 91 -22.31 7.78 19.14
CA ASP B 91 -23.26 6.98 19.85
C ASP B 91 -23.23 7.23 21.35
N ASP B 92 -23.23 8.51 21.72
CA ASP B 92 -23.28 8.90 23.12
C ASP B 92 -22.22 8.26 24.02
N ARG B 93 -20.95 8.34 23.62
CA ARG B 93 -19.85 7.82 24.44
C ARG B 93 -18.80 8.90 24.31
N ARG B 94 -17.98 9.05 25.34
CA ARG B 94 -16.93 10.05 25.40
C ARG B 94 -15.68 9.38 25.95
N GLU B 95 -14.51 9.96 25.64
CA GLU B 95 -13.21 9.46 26.10
C GLU B 95 -12.34 10.64 26.48
N TYR B 96 -11.74 10.58 27.68
CA TYR B 96 -10.91 11.67 28.19
C TYR B 96 -9.48 11.21 28.37
N PHE B 97 -8.53 12.11 28.18
CA PHE B 97 -7.15 11.75 28.40
C PHE B 97 -6.44 12.99 28.88
N PHE B 98 -5.60 12.83 29.90
CA PHE B 98 -4.78 13.90 30.45
C PHE B 98 -3.35 13.72 29.98
N LEU B 99 -2.88 14.57 29.07
CA LEU B 99 -1.51 14.44 28.58
C LEU B 99 -0.52 15.47 29.18
N THR B 100 0.68 15.00 29.55
CA THR B 100 1.74 15.85 30.11
C THR B 100 3.06 15.35 29.54
N SER B 101 3.91 16.28 29.08
CA SER B 101 5.19 15.93 28.48
C SER B 101 6.20 15.18 29.37
N ASP B 102 6.28 15.53 30.65
CA ASP B 102 7.27 14.88 31.51
C ASP B 102 6.85 13.90 32.60
N ASN B 103 6.20 14.38 33.66
CA ASN B 103 5.80 13.51 34.77
C ASN B 103 5.32 12.12 34.36
N PRO B 104 6.10 11.09 34.75
CA PRO B 104 5.94 9.65 34.52
C PRO B 104 4.64 8.99 34.99
N ILE B 105 3.66 9.80 35.38
CA ILE B 105 2.41 9.24 35.82
C ILE B 105 1.41 9.26 34.67
N PHE B 106 1.57 10.24 33.77
CA PHE B 106 0.67 10.40 32.63
C PHE B 106 1.42 10.22 31.33
N SER B 107 0.72 9.94 30.23
CA SER B 107 1.37 9.78 28.93
C SER B 107 1.52 11.11 28.20
N ASP B 108 2.29 11.09 27.12
CA ASP B 108 2.53 12.29 26.33
C ASP B 108 2.15 12.14 24.85
N HIS B 109 1.30 11.17 24.52
CA HIS B 109 0.82 10.96 23.16
C HIS B 109 -0.48 10.17 23.14
N GLN B 110 -1.27 10.35 22.09
CA GLN B 110 -2.53 9.66 21.96
C GLN B 110 -2.92 9.68 20.52
N LYS B 111 -3.34 8.54 20.00
CA LYS B 111 -3.77 8.46 18.60
C LYS B 111 -5.23 8.87 18.52
N ILE B 112 -5.60 9.51 17.42
CA ILE B 112 -6.96 9.94 17.22
C ILE B 112 -7.36 9.43 15.85
N PRO B 113 -8.40 8.59 15.78
CA PRO B 113 -8.91 8.02 14.54
C PRO B 113 -9.48 9.09 13.60
N ALA B 114 -9.31 8.87 12.30
CA ALA B 114 -9.80 9.77 11.27
C ALA B 114 -11.28 10.14 11.47
N GLY B 115 -11.59 11.43 11.27
CA GLY B 115 -12.95 11.92 11.40
C GLY B 115 -13.61 11.78 12.76
N THR B 116 -12.82 11.77 13.83
CA THR B 116 -13.38 11.67 15.18
C THR B 116 -13.40 13.08 15.77
N ILE B 117 -14.56 13.56 16.17
CA ILE B 117 -14.67 14.90 16.74
C ILE B 117 -13.90 14.97 18.06
N PHE B 118 -13.05 15.98 18.22
CA PHE B 118 -12.28 16.13 19.43
C PHE B 118 -12.04 17.60 19.75
N TYR B 119 -11.79 17.90 21.03
CA TYR B 119 -11.47 19.24 21.48
C TYR B 119 -10.32 19.15 22.49
N LEU B 120 -9.54 20.22 22.59
CA LEU B 120 -8.35 20.28 23.44
C LEU B 120 -8.41 21.45 24.44
N VAL B 121 -7.84 21.22 25.62
CA VAL B 121 -7.81 22.21 26.69
C VAL B 121 -6.38 22.28 27.22
N ASN B 122 -5.91 23.50 27.51
CA ASN B 122 -4.59 23.73 28.12
C ASN B 122 -4.98 24.13 29.55
N PRO B 123 -4.91 23.18 30.50
CA PRO B 123 -5.27 23.41 31.91
C PRO B 123 -4.37 24.30 32.76
N ASP B 124 -3.07 24.29 32.50
CA ASP B 124 -2.13 25.07 33.30
C ASP B 124 -2.35 26.59 33.28
N PRO B 125 -2.04 27.27 34.41
CA PRO B 125 -2.21 28.72 34.49
C PRO B 125 -0.93 29.43 34.11
N LYS B 126 0.17 28.69 34.04
CA LYS B 126 1.47 29.30 33.70
C LYS B 126 2.06 28.84 32.38
N GLU B 127 2.22 27.53 32.23
CA GLU B 127 2.80 26.88 31.06
C GLU B 127 1.94 26.87 29.81
N ASP B 128 2.61 26.92 28.66
CA ASP B 128 1.98 26.87 27.34
C ASP B 128 1.92 25.40 26.89
N LEU B 129 0.92 25.08 26.07
CA LEU B 129 0.76 23.73 25.53
C LEU B 129 1.46 23.75 24.19
N ARG B 130 2.49 22.92 24.06
CA ARG B 130 3.21 22.81 22.79
C ARG B 130 3.06 21.40 22.23
N ILE B 131 2.34 21.29 21.12
CA ILE B 131 2.03 20.02 20.47
C ILE B 131 2.60 19.88 19.05
N ILE B 132 2.98 18.65 18.73
CA ILE B 132 3.51 18.28 17.42
C ILE B 132 2.77 16.97 17.08
N GLN B 133 2.29 16.83 15.85
CA GLN B 133 1.59 15.61 15.50
C GLN B 133 1.81 15.07 14.11
N LEU B 134 1.82 13.74 14.00
CA LEU B 134 1.97 13.02 12.75
C LEU B 134 0.55 12.78 12.25
N ALA B 135 0.27 13.20 11.02
CA ALA B 135 -1.04 13.02 10.45
C ALA B 135 -0.91 12.18 9.18
N MET B 136 -1.93 11.39 8.90
CA MET B 136 -1.92 10.53 7.73
C MET B 136 -3.29 10.66 7.05
N PRO B 137 -3.39 11.59 6.08
CA PRO B 137 -4.63 11.83 5.34
C PRO B 137 -5.22 10.60 4.63
N VAL B 138 -6.54 10.53 4.62
CA VAL B 138 -7.32 9.45 4.02
C VAL B 138 -7.73 9.66 2.55
N ASN B 139 -8.23 10.86 2.22
CA ASN B 139 -8.74 11.15 0.87
C ASN B 139 -7.70 11.33 -0.24
N ASN B 140 -6.73 12.21 0.04
CA ASN B 140 -5.61 12.55 -0.84
C ASN B 140 -4.59 13.13 0.13
N PRO B 141 -3.36 13.43 -0.32
CA PRO B 141 -2.31 13.97 0.56
C PRO B 141 -2.42 15.32 1.26
N GLN B 142 -3.60 15.93 1.24
CA GLN B 142 -3.80 17.23 1.87
C GLN B 142 -4.59 17.07 3.16
N ILE B 143 -4.29 17.85 4.18
CA ILE B 143 -4.99 17.68 5.43
C ILE B 143 -6.18 18.63 5.56
N HIS B 144 -7.36 18.07 5.81
CA HIS B 144 -8.58 18.87 5.92
C HIS B 144 -9.23 18.82 7.31
N GLU B 145 -9.31 19.99 7.96
CA GLU B 145 -9.93 20.14 9.28
C GLU B 145 -11.32 20.79 9.16
N PHE B 146 -12.34 20.08 9.61
CA PHE B 146 -13.68 20.56 9.57
C PHE B 146 -14.12 21.10 10.93
N PHE B 147 -14.12 22.42 11.09
CA PHE B 147 -14.55 23.00 12.35
C PHE B 147 -16.07 23.09 12.43
N LEU B 148 -16.63 22.66 13.56
CA LEU B 148 -18.08 22.69 13.75
C LEU B 148 -18.53 24.08 14.21
N SER B 149 -17.61 24.87 14.73
CA SER B 149 -17.94 26.20 15.24
C SER B 149 -18.16 27.31 14.22
N SER B 150 -18.93 28.33 14.64
CA SER B 150 -19.18 29.53 13.84
C SER B 150 -18.52 30.65 14.63
N THR B 151 -17.41 31.17 14.14
CA THR B 151 -16.76 32.26 14.85
C THR B 151 -16.51 33.40 13.89
N GLU B 152 -15.82 34.44 14.35
CA GLU B 152 -15.52 35.57 13.47
C GLU B 152 -14.51 35.10 12.41
N ALA B 153 -13.56 34.28 12.86
CA ALA B 153 -12.54 33.75 11.97
C ALA B 153 -13.10 32.80 10.90
N GLN B 154 -14.02 31.93 11.30
CA GLN B 154 -14.54 30.93 10.36
C GLN B 154 -16.03 30.64 10.46
N GLN B 155 -16.58 30.09 9.36
CA GLN B 155 -18.01 29.71 9.26
C GLN B 155 -18.15 28.21 9.55
N SER B 156 -19.18 27.83 10.30
CA SER B 156 -19.43 26.42 10.59
C SER B 156 -19.89 25.75 9.31
N TYR B 157 -19.51 24.48 9.11
CA TYR B 157 -19.90 23.76 7.90
C TYR B 157 -21.39 23.48 7.74
N LEU B 158 -22.15 23.58 8.82
CA LEU B 158 -23.59 23.36 8.74
C LEU B 158 -24.15 24.54 7.94
N GLN B 159 -23.42 25.65 7.94
CA GLN B 159 -23.80 26.88 7.24
C GLN B 159 -23.71 26.79 5.73
N GLU B 160 -23.20 25.65 5.23
CA GLU B 160 -23.03 25.46 3.80
C GLU B 160 -24.25 24.85 3.15
N PHE B 161 -25.02 24.10 3.91
CA PHE B 161 -26.22 23.46 3.38
C PHE B 161 -27.25 24.52 3.03
N SER B 162 -28.29 24.14 2.29
CA SER B 162 -29.32 25.09 1.90
C SER B 162 -30.35 25.25 2.99
N LYS B 163 -30.92 26.46 3.09
CA LYS B 163 -31.91 26.83 4.09
C LYS B 163 -33.01 25.81 4.43
N HIS B 164 -33.80 25.39 3.45
CA HIS B 164 -34.85 24.44 3.77
C HIS B 164 -34.33 23.07 4.14
N ILE B 165 -33.07 22.79 3.83
CA ILE B 165 -32.48 21.52 4.20
C ILE B 165 -32.19 21.62 5.68
N LEU B 166 -31.85 22.83 6.14
CA LEU B 166 -31.58 23.08 7.56
C LEU B 166 -32.87 23.12 8.39
N GLU B 167 -33.92 23.68 7.81
CA GLU B 167 -35.23 23.77 8.46
C GLU B 167 -35.84 22.40 8.66
N ALA B 168 -35.87 21.65 7.55
CA ALA B 168 -36.44 20.30 7.47
C ALA B 168 -35.73 19.30 8.35
N SER B 169 -34.41 19.50 8.53
CA SER B 169 -33.59 18.64 9.37
C SER B 169 -33.85 18.93 10.85
N PHE B 170 -33.55 20.16 11.25
CA PHE B 170 -33.70 20.58 12.64
C PHE B 170 -35.15 20.76 13.08
N ASN B 171 -36.06 20.80 12.11
CA ASN B 171 -37.49 20.93 12.39
C ASN B 171 -37.85 22.31 12.96
N SER B 172 -37.15 23.35 12.48
CA SER B 172 -37.38 24.73 12.92
C SER B 172 -37.30 25.66 11.72
N LYS B 173 -37.63 26.93 11.95
CA LYS B 173 -37.58 27.97 10.94
C LYS B 173 -36.17 28.53 10.95
N PHE B 174 -35.63 28.79 9.77
CA PHE B 174 -34.28 29.29 9.66
C PHE B 174 -33.90 30.36 10.67
N GLU B 175 -34.77 31.34 10.88
CA GLU B 175 -34.46 32.42 11.82
C GLU B 175 -34.17 31.88 13.23
N GLU B 176 -34.94 30.88 13.65
CA GLU B 176 -34.75 30.26 14.95
C GLU B 176 -33.38 29.55 15.01
N ILE B 177 -33.16 28.70 14.01
CA ILE B 177 -31.93 27.91 13.85
C ILE B 177 -30.69 28.81 13.77
N ASN B 178 -30.84 29.93 13.10
CA ASN B 178 -29.74 30.85 12.91
C ASN B 178 -29.42 31.59 14.19
N ARG B 179 -30.46 32.08 14.84
CA ARG B 179 -30.29 32.83 16.05
C ARG B 179 -29.54 31.97 17.07
N VAL B 180 -30.05 30.77 17.31
CA VAL B 180 -29.41 29.88 18.29
C VAL B 180 -28.00 29.39 17.90
N LEU B 181 -27.75 29.25 16.59
CA LEU B 181 -26.48 28.75 16.12
C LEU B 181 -25.48 29.72 15.51
N PHE B 182 -25.93 30.44 14.49
CA PHE B 182 -25.08 31.33 13.70
C PHE B 182 -25.04 32.85 13.91
N GLU B 183 -25.95 33.40 14.70
CA GLU B 183 -26.02 34.85 14.96
C GLU B 183 -24.65 35.52 15.14
N GLU B 184 -24.27 36.39 14.20
CA GLU B 184 -22.99 37.08 14.28
C GLU B 184 -22.71 37.65 15.66
N GLU B 185 -23.75 38.01 16.40
CA GLU B 185 -23.56 38.51 17.74
C GLU B 185 -23.40 37.27 18.61
N GLY B 186 -22.59 37.36 19.66
CA GLY B 186 -22.43 36.20 20.53
C GLY B 186 -21.37 35.21 20.08
N GLN B 187 -20.96 35.29 18.83
CA GLN B 187 -19.92 34.40 18.34
C GLN B 187 -18.56 34.72 18.98
N GLN B 188 -17.75 33.69 19.16
CA GLN B 188 -16.40 33.88 19.69
C GLN B 188 -15.58 34.41 18.50
N GLU B 189 -14.40 34.96 18.79
CA GLU B 189 -13.56 35.49 17.74
C GLU B 189 -12.98 34.39 16.87
N GLY B 190 -12.20 33.50 17.48
CA GLY B 190 -11.57 32.43 16.72
C GLY B 190 -11.79 31.07 17.33
N VAL B 191 -11.01 30.10 16.84
CA VAL B 191 -11.10 28.70 17.27
C VAL B 191 -10.32 28.37 18.53
N ILE B 192 -9.40 29.24 18.91
CA ILE B 192 -8.67 29.04 20.16
C ILE B 192 -9.30 30.09 21.07
N VAL B 193 -10.06 29.60 22.03
CA VAL B 193 -10.78 30.43 22.96
C VAL B 193 -10.21 30.36 24.36
N ASN B 194 -10.34 31.47 25.07
CA ASN B 194 -9.84 31.63 26.42
C ASN B 194 -10.86 31.09 27.42
N ILE B 195 -10.60 29.94 28.04
CA ILE B 195 -11.60 29.45 29.00
C ILE B 195 -11.33 29.83 30.46
N ASP B 196 -12.39 29.73 31.28
CA ASP B 196 -12.31 30.11 32.68
C ASP B 196 -12.04 29.03 33.72
N SER B 197 -11.04 29.36 34.53
CA SER B 197 -10.52 28.58 35.63
C SER B 197 -11.49 27.66 36.37
N GLU B 198 -12.69 28.16 36.61
CA GLU B 198 -13.70 27.40 37.33
C GLU B 198 -14.12 26.14 36.60
N GLN B 199 -14.60 26.31 35.37
CA GLN B 199 -15.11 25.22 34.52
C GLN B 199 -14.22 23.97 34.38
N ILE B 200 -12.92 24.19 34.17
CA ILE B 200 -11.98 23.09 33.96
C ILE B 200 -11.45 22.29 35.15
N LYS B 201 -11.74 22.68 36.38
CA LYS B 201 -11.26 21.90 37.52
C LYS B 201 -12.02 20.58 37.54
N GLU B 202 -13.28 20.66 37.12
CA GLU B 202 -14.18 19.51 37.08
C GLU B 202 -13.68 18.49 36.04
N LEU B 203 -13.34 19.01 34.86
CA LEU B 203 -12.85 18.21 33.75
C LEU B 203 -11.51 17.54 34.07
N SER B 204 -10.53 18.36 34.45
CA SER B 204 -9.18 17.90 34.78
C SER B 204 -9.22 16.70 35.71
N LYS B 205 -10.03 16.82 36.76
CA LYS B 205 -10.22 15.78 37.77
C LYS B 205 -10.64 14.45 37.15
N HIS B 206 -11.76 14.45 36.43
CA HIS B 206 -12.25 13.22 35.81
C HIS B 206 -11.26 12.68 34.77
N ALA B 207 -10.67 13.59 34.00
CA ALA B 207 -9.73 13.21 32.97
C ALA B 207 -8.53 12.53 33.61
N LYS B 208 -8.03 13.10 34.72
CA LYS B 208 -6.89 12.53 35.44
C LYS B 208 -7.18 11.16 36.02
N SER B 209 -8.41 10.90 36.45
CA SER B 209 -8.71 9.58 36.96
C SER B 209 -8.33 8.58 35.88
N SER B 210 -8.56 8.97 34.63
CA SER B 210 -8.23 8.13 33.47
C SER B 210 -6.82 8.36 32.93
N ASN B 220 12.27 2.38 26.52
CA ASN B 220 12.92 3.07 27.64
C ASN B 220 14.05 4.00 27.21
N THR B 221 14.80 4.49 28.19
CA THR B 221 15.88 5.43 27.96
C THR B 221 17.31 4.86 27.88
N ILE B 222 18.13 5.46 27.02
CA ILE B 222 19.54 5.12 26.84
C ILE B 222 20.20 6.49 26.78
N GLY B 223 21.00 6.81 27.80
CA GLY B 223 21.67 8.10 27.84
C GLY B 223 22.75 8.13 28.91
N ASN B 224 23.45 9.25 29.00
CA ASN B 224 24.52 9.40 29.97
C ASN B 224 24.73 10.88 30.28
N GLU B 225 25.93 11.20 30.78
CA GLU B 225 26.28 12.57 31.15
C GLU B 225 25.95 13.57 30.04
N PHE B 226 26.12 13.14 28.80
CA PHE B 226 25.94 14.02 27.64
C PHE B 226 24.64 14.04 26.86
N GLY B 227 23.84 12.98 26.96
CA GLY B 227 22.60 12.94 26.23
C GLY B 227 21.69 11.83 26.70
N ASN B 228 20.49 11.75 26.12
CA ASN B 228 19.52 10.72 26.46
C ASN B 228 18.59 10.46 25.29
N LEU B 229 18.17 9.22 25.16
CA LEU B 229 17.33 8.82 24.07
C LEU B 229 16.20 7.89 24.53
N THR B 230 14.96 8.32 24.31
CA THR B 230 13.79 7.52 24.68
C THR B 230 12.90 7.26 23.48
N GLU B 231 12.66 5.98 23.20
CA GLU B 231 11.87 5.59 22.04
C GLU B 231 10.75 4.65 22.43
N ARG B 232 9.63 4.75 21.73
CA ARG B 232 8.49 3.90 21.99
C ARG B 232 7.87 3.57 20.64
N THR B 233 7.50 2.31 20.44
CA THR B 233 6.95 1.87 19.18
C THR B 233 5.50 1.43 19.29
N ASP B 234 4.67 1.97 18.40
CA ASP B 234 3.26 1.62 18.34
C ASP B 234 3.07 0.60 17.24
N ASN B 235 3.02 -0.67 17.65
CA ASN B 235 2.85 -1.79 16.74
C ASN B 235 1.65 -1.63 15.81
N SER B 236 0.61 -0.95 16.28
CA SER B 236 -0.58 -0.76 15.48
C SER B 236 -0.25 0.14 14.29
N LEU B 237 0.21 1.36 14.57
CA LEU B 237 0.54 2.29 13.51
C LEU B 237 1.81 1.95 12.75
N ASN B 238 2.69 1.14 13.34
CA ASN B 238 3.96 0.75 12.72
C ASN B 238 4.84 2.02 12.73
N VAL B 239 4.62 2.83 13.76
CA VAL B 239 5.33 4.08 13.97
C VAL B 239 6.13 4.03 15.29
N LEU B 240 7.19 4.84 15.37
CA LEU B 240 8.05 4.91 16.54
C LEU B 240 8.16 6.39 16.99
N ILE B 241 8.21 6.64 18.30
CA ILE B 241 8.31 8.02 18.82
C ILE B 241 9.55 8.16 19.73
N SER B 242 10.44 9.07 19.38
CA SER B 242 11.66 9.29 20.14
C SER B 242 11.62 10.59 20.92
N SER B 243 12.59 10.75 21.80
CA SER B 243 12.77 11.96 22.60
C SER B 243 14.28 12.01 22.77
N ILE B 244 14.91 13.03 22.23
CA ILE B 244 16.36 13.14 22.34
C ILE B 244 16.79 14.44 23.04
N GLU B 245 17.50 14.30 24.16
CA GLU B 245 18.00 15.43 24.92
C GLU B 245 19.52 15.42 24.90
N MET B 246 20.16 16.51 24.50
CA MET B 246 21.61 16.55 24.48
C MET B 246 22.07 17.88 25.06
N GLU B 247 23.16 17.88 25.82
CA GLU B 247 23.70 19.11 26.41
C GLU B 247 24.86 19.64 25.57
N GLU B 248 25.04 20.96 25.56
CA GLU B 248 26.11 21.63 24.78
C GLU B 248 27.43 20.86 24.61
N GLY B 249 27.88 20.74 23.35
CA GLY B 249 29.12 20.05 23.07
C GLY B 249 29.03 18.54 22.97
N ALA B 250 27.87 17.96 23.27
CA ALA B 250 27.66 16.50 23.20
C ALA B 250 27.60 16.07 21.73
N LEU B 251 27.83 14.78 21.51
CA LEU B 251 27.85 14.22 20.17
C LEU B 251 27.21 12.86 20.12
N PHE B 252 26.30 12.70 19.16
CA PHE B 252 25.58 11.46 18.89
C PHE B 252 26.42 10.89 17.78
N VAL B 253 27.28 9.95 18.15
CA VAL B 253 28.21 9.30 17.23
C VAL B 253 27.51 8.74 16.00
N PRO B 254 28.25 8.58 14.88
CA PRO B 254 27.71 8.04 13.63
C PRO B 254 26.94 6.75 13.90
N HIS B 255 25.86 6.58 13.18
CA HIS B 255 24.98 5.43 13.33
C HIS B 255 23.94 5.48 12.21
N TYR B 256 23.10 4.46 12.12
CA TYR B 256 22.01 4.43 11.13
C TYR B 256 20.91 3.50 11.67
N TYR B 257 19.68 3.79 11.27
CA TYR B 257 18.51 3.00 11.62
C TYR B 257 18.28 2.20 10.38
N SER B 258 18.27 0.88 10.55
CA SER B 258 18.08 -0.10 9.50
C SER B 258 16.83 -0.06 8.61
N LYS B 259 15.64 0.01 9.21
CA LYS B 259 14.39 0.06 8.41
C LYS B 259 13.57 1.34 8.53
N ALA B 260 13.70 2.06 9.63
CA ALA B 260 12.89 3.26 9.82
C ALA B 260 13.30 4.54 9.05
N ILE B 261 12.33 5.29 8.52
CA ILE B 261 12.60 6.58 7.88
C ILE B 261 12.38 7.53 9.08
N VAL B 262 13.34 8.40 9.40
CA VAL B 262 13.18 9.25 10.58
C VAL B 262 12.99 10.73 10.33
N ILE B 263 11.90 11.27 10.85
CA ILE B 263 11.56 12.71 10.74
C ILE B 263 11.97 13.34 12.09
N LEU B 264 12.95 14.25 12.08
CA LEU B 264 13.41 14.93 13.32
C LEU B 264 12.91 16.39 13.39
N VAL B 265 12.64 16.89 14.59
CA VAL B 265 12.20 18.27 14.81
C VAL B 265 12.84 18.87 16.06
N VAL B 266 13.47 20.04 15.89
CA VAL B 266 14.12 20.71 16.99
C VAL B 266 13.06 21.38 17.87
N ASN B 267 13.00 20.99 19.15
CA ASN B 267 12.04 21.61 20.08
C ASN B 267 12.62 22.88 20.68
N GLU B 268 13.90 22.81 21.04
CA GLU B 268 14.62 23.91 21.64
C GLU B 268 16.10 23.62 21.44
N GLY B 269 16.91 24.66 21.26
CA GLY B 269 18.33 24.44 21.06
C GLY B 269 18.68 24.51 19.60
N GLU B 270 19.92 24.17 19.29
CA GLU B 270 20.46 24.14 17.93
C GLU B 270 21.55 23.07 17.87
N ALA B 271 21.76 22.47 16.70
CA ALA B 271 22.76 21.39 16.54
C ALA B 271 23.31 21.17 15.13
N HIS B 272 24.52 20.61 15.04
CA HIS B 272 25.13 20.33 13.74
C HIS B 272 24.78 18.93 13.27
N VAL B 273 24.28 18.85 12.04
CA VAL B 273 23.90 17.56 11.50
C VAL B 273 24.70 17.21 10.25
N GLU B 274 25.18 15.98 10.21
CA GLU B 274 25.96 15.45 9.08
C GLU B 274 25.31 14.13 8.64
N LEU B 275 24.90 14.07 7.37
CA LEU B 275 24.26 12.88 6.80
C LEU B 275 25.04 12.43 5.56
N VAL B 276 25.32 11.13 5.46
CA VAL B 276 26.01 10.58 4.32
C VAL B 276 24.97 9.86 3.47
N GLY B 277 24.69 10.38 2.29
CA GLY B 277 23.72 9.73 1.44
C GLY B 277 24.36 9.44 0.10
N PRO B 278 23.59 8.99 -0.91
CA PRO B 278 24.15 8.70 -2.24
C PRO B 278 24.38 10.03 -2.97
N LYS B 279 25.47 10.12 -3.73
CA LYS B 279 25.80 11.32 -4.47
C LYS B 279 24.73 11.59 -5.51
N GLY B 280 23.68 12.30 -5.12
CA GLY B 280 22.59 12.62 -6.03
C GLY B 280 21.52 11.53 -6.06
N GLU B 283 22.70 6.06 -8.71
CA GLU B 283 22.96 4.63 -8.50
C GLU B 283 24.42 4.26 -8.74
N THR B 284 25.29 4.64 -7.80
CA THR B 284 26.75 4.39 -7.85
C THR B 284 27.26 4.14 -6.44
N LEU B 285 28.58 4.04 -6.31
CA LEU B 285 29.20 3.82 -5.01
C LEU B 285 29.90 5.11 -4.60
N GLU B 286 29.31 6.25 -4.98
CA GLU B 286 29.91 7.55 -4.68
C GLU B 286 29.04 8.27 -3.68
N TYR B 287 29.60 8.64 -2.54
CA TYR B 287 28.82 9.31 -1.52
C TYR B 287 28.93 10.82 -1.57
N GLU B 288 28.38 11.46 -0.55
CA GLU B 288 28.37 12.90 -0.48
C GLU B 288 27.79 13.20 0.90
N SER B 289 28.20 14.31 1.48
CA SER B 289 27.70 14.66 2.81
C SER B 289 26.64 15.79 2.72
N TYR B 290 25.60 15.70 3.54
CA TYR B 290 24.52 16.67 3.59
C TYR B 290 24.51 17.32 4.96
N ARG B 291 25.47 18.20 5.18
CA ARG B 291 25.60 18.89 6.46
C ARG B 291 24.55 20.00 6.58
N ALA B 292 24.11 20.25 7.80
CA ALA B 292 23.13 21.30 8.04
C ALA B 292 23.18 21.82 9.48
N GLU B 293 22.68 23.02 9.69
CA GLU B 293 22.70 23.58 11.03
C GLU B 293 21.25 23.79 11.45
N LEU B 294 20.83 22.94 12.38
CA LEU B 294 19.48 22.92 12.91
C LEU B 294 19.22 23.88 14.05
N SER B 295 18.00 24.42 14.07
CA SER B 295 17.54 25.35 15.09
C SER B 295 16.04 25.12 15.29
N LYS B 296 15.47 25.76 16.32
CA LYS B 296 14.05 25.62 16.65
C LYS B 296 13.09 25.46 15.48
N ASP B 297 12.18 24.51 15.60
CA ASP B 297 11.16 24.22 14.59
C ASP B 297 11.62 23.71 13.23
N ASP B 298 12.92 23.49 13.08
CA ASP B 298 13.47 22.93 11.86
C ASP B 298 13.15 21.42 11.85
N VAL B 299 12.97 20.86 10.66
CA VAL B 299 12.68 19.43 10.48
C VAL B 299 13.75 18.85 9.56
N PHE B 300 14.36 17.74 9.98
CA PHE B 300 15.39 17.08 9.20
C PHE B 300 14.99 15.61 8.96
N VAL B 301 14.99 15.20 7.70
CA VAL B 301 14.65 13.84 7.30
C VAL B 301 15.86 12.88 7.17
N ILE B 302 15.78 11.71 7.79
CA ILE B 302 16.87 10.75 7.68
C ILE B 302 16.34 9.43 7.10
N PRO B 303 16.73 9.12 5.85
CA PRO B 303 16.31 7.90 5.16
C PRO B 303 16.77 6.60 5.83
N ALA B 304 16.02 5.51 5.64
CA ALA B 304 16.37 4.21 6.20
C ALA B 304 17.77 3.81 5.71
N ALA B 305 18.60 3.37 6.64
CA ALA B 305 20.01 2.94 6.43
C ALA B 305 21.08 4.01 6.08
N TYR B 306 20.76 5.31 6.15
CA TYR B 306 21.76 6.36 5.85
C TYR B 306 22.42 6.75 7.16
N PRO B 307 23.75 6.79 7.20
CA PRO B 307 24.50 7.15 8.43
C PRO B 307 24.39 8.64 8.80
N VAL B 308 24.28 8.90 10.09
CA VAL B 308 24.13 10.27 10.53
C VAL B 308 24.88 10.49 11.84
N ALA B 309 25.28 11.73 12.08
CA ALA B 309 25.95 12.10 13.32
C ALA B 309 25.34 13.46 13.62
N ILE B 310 25.07 13.73 14.91
CA ILE B 310 24.48 14.99 15.37
C ILE B 310 25.23 15.49 16.57
N LYS B 311 25.70 16.74 16.53
CA LYS B 311 26.42 17.36 17.66
C LYS B 311 25.68 18.60 18.19
N ALA B 312 25.53 18.64 19.51
CA ALA B 312 24.84 19.73 20.15
C ALA B 312 25.71 20.96 20.13
N THR B 313 25.18 22.00 19.49
CA THR B 313 25.82 23.32 19.39
C THR B 313 25.34 24.16 20.57
N SER B 314 24.32 23.69 21.24
CA SER B 314 23.78 24.33 22.43
C SER B 314 23.06 23.16 23.09
N ASN B 315 22.39 23.39 24.21
CA ASN B 315 21.63 22.30 24.79
C ASN B 315 20.45 22.19 23.84
N VAL B 316 20.09 20.97 23.48
CA VAL B 316 19.03 20.77 22.51
C VAL B 316 18.18 19.53 22.76
N ASN B 317 16.89 19.64 22.44
CA ASN B 317 16.03 18.47 22.53
C ASN B 317 15.12 18.38 21.32
N PHE B 318 14.92 17.15 20.84
CA PHE B 318 14.12 16.88 19.66
C PHE B 318 13.04 15.87 19.96
N THR B 319 12.14 15.75 19.00
CA THR B 319 11.07 14.75 19.01
C THR B 319 11.13 14.21 17.60
N GLY B 320 11.03 12.90 17.46
CA GLY B 320 11.08 12.30 16.13
C GLY B 320 10.04 11.22 15.96
N PHE B 321 9.62 11.03 14.72
CA PHE B 321 8.67 9.99 14.39
C PHE B 321 9.44 9.10 13.40
N GLY B 322 9.39 7.80 13.63
CA GLY B 322 10.09 6.90 12.74
C GLY B 322 9.02 6.08 12.08
N ILE B 323 8.96 6.09 10.75
CA ILE B 323 7.97 5.29 10.08
C ILE B 323 8.71 4.02 9.58
N ASN B 324 8.02 2.87 9.64
CA ASN B 324 8.56 1.54 9.25
C ASN B 324 9.31 1.01 10.45
N ALA B 325 8.81 1.37 11.61
CA ALA B 325 9.42 1.05 12.89
C ALA B 325 9.45 -0.38 13.38
N ASN B 326 8.57 -1.23 12.86
CA ASN B 326 8.49 -2.60 13.35
C ASN B 326 9.71 -3.44 12.93
N ASN B 327 10.53 -3.83 13.90
CA ASN B 327 11.76 -4.62 13.68
C ASN B 327 12.95 -3.81 13.15
N ASN B 328 13.14 -2.62 13.70
CA ASN B 328 14.22 -1.72 13.30
C ASN B 328 15.34 -1.97 14.27
N ASN B 329 16.58 -1.77 13.81
CA ASN B 329 17.78 -1.97 14.63
C ASN B 329 18.60 -0.72 14.58
N ARG B 330 19.16 -0.34 15.71
CA ARG B 330 19.97 0.84 15.80
C ARG B 330 21.42 0.32 15.68
N ASN B 331 22.11 0.72 14.62
CA ASN B 331 23.49 0.29 14.37
C ASN B 331 24.46 1.42 14.57
N LEU B 332 25.30 1.30 15.60
CA LEU B 332 26.31 2.31 15.95
C LEU B 332 27.69 2.03 15.38
N LEU B 333 28.38 3.10 15.01
CA LEU B 333 29.70 2.98 14.41
C LEU B 333 30.87 3.46 15.26
N ALA B 334 30.64 3.56 16.56
CA ALA B 334 31.66 3.99 17.52
C ALA B 334 31.07 3.69 18.88
N GLY B 335 31.91 3.64 19.92
CA GLY B 335 31.40 3.35 21.25
C GLY B 335 31.36 1.88 21.63
N LYS B 336 31.04 1.61 22.90
CA LYS B 336 31.00 0.25 23.43
C LYS B 336 29.69 -0.47 23.24
N THR B 337 28.60 0.28 23.10
CA THR B 337 27.29 -0.32 22.93
C THR B 337 26.70 -0.21 21.53
N ASP B 338 26.26 -1.37 21.02
CA ASP B 338 25.63 -1.53 19.70
C ASP B 338 26.50 -1.20 18.52
N ASN B 339 27.80 -1.47 18.65
CA ASN B 339 28.79 -1.22 17.61
C ASN B 339 28.92 -2.39 16.63
N VAL B 340 28.44 -2.19 15.41
CA VAL B 340 28.49 -3.22 14.39
C VAL B 340 29.87 -3.60 13.89
N ILE B 341 30.82 -2.66 13.92
CA ILE B 341 32.18 -2.94 13.46
C ILE B 341 32.87 -3.91 14.40
N SER B 342 32.62 -3.76 15.71
CA SER B 342 33.18 -4.69 16.70
C SER B 342 32.52 -6.03 16.43
N SER B 343 31.20 -5.97 16.19
CA SER B 343 30.43 -7.18 15.90
C SER B 343 31.01 -7.93 14.72
N ILE B 344 31.38 -7.20 13.64
CA ILE B 344 31.99 -7.87 12.48
C ILE B 344 33.27 -8.54 12.99
N GLY B 345 34.10 -7.76 13.68
CA GLY B 345 35.34 -8.28 14.20
C GLY B 345 35.17 -9.52 15.07
N ARG B 346 33.98 -9.72 15.64
CA ARG B 346 33.75 -10.88 16.49
C ARG B 346 33.16 -12.13 15.82
N ALA B 347 32.90 -12.04 14.52
CA ALA B 347 32.36 -13.17 13.73
C ALA B 347 33.39 -14.31 13.72
N LEU B 348 33.05 -15.45 13.14
CA LEU B 348 34.00 -16.59 13.11
C LEU B 348 35.39 -16.28 12.57
N ASP B 349 35.52 -15.93 11.29
CA ASP B 349 36.88 -15.59 10.84
C ASP B 349 36.99 -14.05 10.67
N GLY B 350 36.22 -13.35 11.49
CA GLY B 350 36.11 -11.89 11.48
C GLY B 350 37.25 -10.88 11.37
N LYS B 351 38.30 -11.07 12.13
CA LYS B 351 39.43 -10.13 12.09
C LYS B 351 40.01 -10.09 10.67
N ASP B 352 39.99 -11.22 9.96
CA ASP B 352 40.50 -11.25 8.60
C ASP B 352 39.61 -10.38 7.69
N VAL B 353 38.31 -10.34 7.97
CA VAL B 353 37.38 -9.53 7.19
C VAL B 353 37.70 -8.04 7.42
N LEU B 354 37.89 -7.66 8.69
CA LEU B 354 38.22 -6.27 9.03
C LEU B 354 39.55 -5.82 8.43
N GLY B 355 40.52 -6.72 8.39
CA GLY B 355 41.81 -6.36 7.85
C GLY B 355 41.77 -6.13 6.36
N LEU B 356 40.79 -6.73 5.68
CA LEU B 356 40.62 -6.59 4.23
C LEU B 356 39.68 -5.42 3.93
N THR B 357 38.87 -5.03 4.91
CA THR B 357 37.92 -3.93 4.76
C THR B 357 38.60 -2.57 4.89
N PHE B 358 39.50 -2.45 5.85
CA PHE B 358 40.22 -1.23 6.15
C PHE B 358 41.71 -1.41 5.87
N SER B 359 42.49 -0.33 5.87
CA SER B 359 43.91 -0.53 5.60
C SER B 359 44.72 -1.22 6.69
N GLY B 360 44.41 -0.95 7.96
CA GLY B 360 45.14 -1.58 9.04
C GLY B 360 44.97 -3.09 9.05
N SER B 361 45.27 -3.68 10.19
CA SER B 361 45.14 -5.11 10.38
C SER B 361 43.90 -5.30 11.25
N GLY B 362 43.36 -6.51 11.30
CA GLY B 362 42.18 -6.75 12.11
C GLY B 362 42.44 -6.36 13.55
N ASP B 363 43.67 -6.59 13.99
CA ASP B 363 44.12 -6.29 15.34
C ASP B 363 44.18 -4.79 15.51
N GLU B 364 44.79 -4.09 14.57
CA GLU B 364 44.88 -2.63 14.64
C GLU B 364 43.50 -2.00 14.69
N VAL B 365 42.60 -2.42 13.82
CA VAL B 365 41.26 -1.81 13.82
C VAL B 365 40.52 -2.05 15.13
N MET B 366 40.61 -3.25 15.68
CA MET B 366 39.94 -3.54 16.94
C MET B 366 40.48 -2.65 18.04
N LYS B 367 41.80 -2.45 18.01
CA LYS B 367 42.50 -1.59 18.97
C LYS B 367 41.94 -0.18 18.96
N LEU B 368 41.72 0.34 17.76
CA LEU B 368 41.18 1.68 17.59
C LEU B 368 39.73 1.68 18.05
N ILE B 369 38.99 0.68 17.60
CA ILE B 369 37.56 0.57 17.90
C ILE B 369 37.29 0.48 19.41
N ASN B 370 38.31 0.11 20.17
CA ASN B 370 38.15 0.01 21.61
C ASN B 370 38.64 1.19 22.41
N LYS B 371 39.39 2.11 21.78
CA LYS B 371 39.86 3.30 22.53
C LYS B 371 38.70 4.05 23.25
N GLN B 372 37.64 4.33 22.50
CA GLN B 372 36.42 5.00 22.99
C GLN B 372 35.73 4.17 24.09
N SER B 373 35.56 4.76 25.26
CA SER B 373 34.94 4.07 26.39
C SER B 373 33.44 4.34 26.55
N GLY B 374 32.94 5.39 25.90
CA GLY B 374 31.53 5.73 25.99
C GLY B 374 30.61 4.98 25.04
N SER B 375 29.32 5.25 25.17
CA SER B 375 28.29 4.64 24.34
C SER B 375 27.25 5.70 23.95
N TYR B 376 26.86 5.68 22.67
CA TYR B 376 25.87 6.60 22.11
C TYR B 376 26.20 8.09 22.08
N PHE B 377 26.11 8.73 23.25
CA PHE B 377 26.36 10.16 23.40
C PHE B 377 27.74 10.44 23.99
N VAL B 378 28.61 10.98 23.15
CA VAL B 378 29.99 11.32 23.46
C VAL B 378 30.21 12.82 23.68
N ASP B 379 31.37 13.20 24.16
CA ASP B 379 31.69 14.60 24.35
C ASP B 379 32.54 15.00 23.16
N ALA B 380 32.19 16.08 22.48
CA ALA B 380 32.99 16.45 21.31
C ALA B 380 33.61 17.83 21.34
N HIS B 381 34.38 18.13 22.38
CA HIS B 381 35.07 19.43 22.47
C HIS B 381 36.25 19.45 23.45
N GLN C 10 9.73 -0.62 -26.50
CA GLN C 10 8.53 -0.11 -27.18
C GLN C 10 7.69 -1.26 -27.75
N ASP C 11 8.11 -1.78 -28.91
CA ASP C 11 7.45 -2.88 -29.61
C ASP C 11 6.72 -3.88 -28.71
N ASN C 12 7.48 -4.56 -27.87
CA ASN C 12 6.98 -5.55 -26.95
C ASN C 12 7.47 -4.96 -25.65
N PRO C 13 6.55 -4.45 -24.84
CA PRO C 13 6.84 -3.84 -23.54
C PRO C 13 7.22 -4.80 -22.40
N PHE C 14 6.98 -6.10 -22.59
CA PHE C 14 7.27 -7.09 -21.55
C PHE C 14 8.61 -7.77 -21.61
N TYR C 15 9.39 -7.47 -22.65
CA TYR C 15 10.68 -8.10 -22.85
C TYR C 15 11.79 -7.17 -22.48
N PHE C 16 12.79 -7.69 -21.75
CA PHE C 16 13.96 -6.91 -21.36
C PHE C 16 15.23 -7.61 -21.85
N ASN C 17 15.81 -7.06 -22.93
CA ASN C 17 17.01 -7.58 -23.54
C ASN C 17 18.17 -7.27 -22.62
N SER C 18 18.94 -8.29 -22.28
CA SER C 18 20.07 -8.16 -21.38
C SER C 18 21.06 -7.11 -21.83
N ASP C 19 21.28 -7.04 -23.14
CA ASP C 19 22.22 -6.09 -23.71
C ASP C 19 21.96 -4.67 -23.22
N ASN C 20 20.74 -4.21 -23.38
CA ASN C 20 20.43 -2.87 -22.97
C ASN C 20 19.50 -2.72 -21.77
N SER C 21 19.61 -3.61 -20.79
CA SER C 21 18.75 -3.54 -19.63
C SER C 21 19.40 -3.54 -18.26
N TRP C 22 20.65 -4.03 -18.19
CA TRP C 22 21.42 -4.12 -16.95
C TRP C 22 22.48 -3.00 -16.90
N ASN C 23 22.69 -2.38 -15.75
CA ASN C 23 23.73 -1.35 -15.65
C ASN C 23 24.74 -1.84 -14.64
N THR C 24 26.03 -1.82 -14.97
CA THR C 24 27.07 -2.29 -14.03
C THR C 24 27.39 -1.36 -12.86
N LEU C 25 27.29 -1.90 -11.65
CA LEU C 25 27.59 -1.15 -10.45
C LEU C 25 29.08 -1.25 -10.12
N PHE C 26 29.62 -2.46 -10.25
CA PHE C 26 31.02 -2.75 -9.98
C PHE C 26 31.41 -3.96 -10.82
N LYS C 27 32.68 -4.03 -11.18
CA LYS C 27 33.17 -5.12 -11.99
C LYS C 27 34.69 -5.09 -11.90
N ASN C 28 35.28 -6.28 -11.86
CA ASN C 28 36.72 -6.38 -11.81
C ASN C 28 37.08 -7.83 -12.12
N GLN C 29 38.37 -8.11 -12.08
CA GLN C 29 38.88 -9.44 -12.35
C GLN C 29 38.17 -10.53 -11.57
N TYR C 30 37.74 -10.22 -10.35
CA TYR C 30 37.08 -11.20 -9.49
C TYR C 30 35.58 -11.43 -9.61
N GLY C 31 34.82 -10.44 -10.10
CA GLY C 31 33.39 -10.62 -10.25
C GLY C 31 32.72 -9.33 -10.66
N HIS C 32 31.39 -9.26 -10.50
CA HIS C 32 30.64 -8.04 -10.84
C HIS C 32 29.25 -8.03 -10.24
N ILE C 33 28.69 -6.82 -10.14
CA ILE C 33 27.35 -6.56 -9.61
C ILE C 33 26.60 -5.69 -10.63
N ARG C 34 25.45 -6.13 -11.09
CA ARG C 34 24.62 -5.40 -12.04
C ARG C 34 23.22 -5.17 -11.44
N VAL C 35 22.58 -4.08 -11.85
CA VAL C 35 21.25 -3.72 -11.38
C VAL C 35 20.37 -3.57 -12.63
N LEU C 36 19.17 -4.18 -12.65
CA LEU C 36 18.26 -4.06 -13.80
C LEU C 36 17.56 -2.68 -13.84
N GLN C 37 17.25 -2.20 -15.05
CA GLN C 37 16.58 -0.93 -15.19
C GLN C 37 15.20 -1.02 -14.54
N ARG C 38 14.63 0.12 -14.13
CA ARG C 38 13.31 0.16 -13.50
C ARG C 38 12.24 -0.43 -14.38
N PHE C 39 11.31 -1.16 -13.76
CA PHE C 39 10.23 -1.77 -14.53
C PHE C 39 9.33 -0.72 -15.14
N ASP C 40 8.89 0.24 -14.34
CA ASP C 40 8.03 1.30 -14.82
C ASP C 40 8.71 2.24 -15.83
N GLN C 41 10.02 2.42 -15.74
CA GLN C 41 10.68 3.30 -16.69
C GLN C 41 10.64 2.72 -18.09
N GLN C 42 10.45 1.43 -18.22
CA GLN C 42 10.37 0.83 -19.53
C GLN C 42 8.96 1.07 -20.09
N SER C 43 7.94 0.65 -19.34
CA SER C 43 6.55 0.79 -19.76
C SER C 43 5.60 1.17 -18.64
N LYS C 44 4.68 2.06 -18.96
CA LYS C 44 3.70 2.54 -18.02
C LYS C 44 2.76 1.38 -17.70
N ARG C 45 2.71 0.39 -18.58
CA ARG C 45 1.86 -0.77 -18.35
C ARG C 45 2.36 -1.47 -17.10
N LEU C 46 3.69 -1.44 -16.89
CA LEU C 46 4.33 -2.11 -15.73
C LEU C 46 4.35 -1.23 -14.48
N GLN C 47 3.24 -0.55 -14.24
CA GLN C 47 3.12 0.36 -13.11
C GLN C 47 3.27 -0.29 -11.75
N ASN C 48 2.61 -1.43 -11.52
CA ASN C 48 2.66 -2.08 -10.20
C ASN C 48 3.93 -2.76 -9.76
N LEU C 49 5.02 -2.50 -10.48
CA LEU C 49 6.32 -3.05 -10.15
C LEU C 49 7.22 -1.88 -9.89
N GLU C 50 6.64 -0.70 -9.67
CA GLU C 50 7.47 0.46 -9.43
C GLU C 50 8.46 0.22 -8.30
N ASP C 51 7.97 -0.46 -7.26
CA ASP C 51 8.79 -0.73 -6.08
C ASP C 51 9.56 -2.05 -5.99
N TYR C 52 9.85 -2.68 -7.13
CA TYR C 52 10.61 -3.94 -7.16
C TYR C 52 11.82 -3.89 -8.12
N ARG C 53 12.91 -4.53 -7.75
CA ARG C 53 14.11 -4.52 -8.58
C ARG C 53 14.84 -5.84 -8.61
N LEU C 54 15.75 -6.00 -9.58
CA LEU C 54 16.55 -7.21 -9.66
C LEU C 54 18.03 -6.86 -9.64
N VAL C 55 18.79 -7.62 -8.88
CA VAL C 55 20.24 -7.43 -8.82
C VAL C 55 20.87 -8.77 -9.17
N GLU C 56 21.96 -8.72 -9.93
CA GLU C 56 22.64 -9.91 -10.37
C GLU C 56 24.09 -9.78 -9.92
N PHE C 57 24.65 -10.87 -9.42
CA PHE C 57 26.02 -10.84 -8.91
C PHE C 57 26.77 -12.10 -9.31
N ARG C 58 28.09 -11.96 -9.51
CA ARG C 58 28.94 -13.10 -9.87
C ARG C 58 30.29 -13.02 -9.15
N SER C 59 30.84 -14.20 -8.83
CA SER C 59 32.12 -14.33 -8.11
C SER C 59 32.99 -15.46 -8.66
N LYS C 60 34.31 -15.26 -8.66
CA LYS C 60 35.28 -16.28 -9.07
C LYS C 60 35.50 -17.20 -7.85
N PRO C 61 36.02 -18.43 -8.07
CA PRO C 61 36.22 -19.28 -6.88
C PRO C 61 37.08 -18.62 -5.81
N GLU C 62 36.78 -18.89 -4.55
CA GLU C 62 37.51 -18.31 -3.41
C GLU C 62 37.65 -16.78 -3.36
N THR C 63 36.53 -16.08 -3.35
CA THR C 63 36.55 -14.62 -3.28
C THR C 63 35.62 -14.15 -2.14
N LEU C 64 35.82 -12.91 -1.70
CA LEU C 64 35.04 -12.30 -0.63
C LEU C 64 34.47 -10.98 -1.12
N LEU C 65 33.24 -10.66 -0.71
CA LEU C 65 32.57 -9.40 -1.00
C LEU C 65 32.51 -8.67 0.34
N LEU C 66 33.19 -7.55 0.44
CA LEU C 66 33.26 -6.74 1.67
C LEU C 66 31.91 -6.30 2.25
N PRO C 67 31.84 -6.10 3.60
CA PRO C 67 30.63 -5.69 4.31
C PRO C 67 29.91 -4.49 3.78
N GLN C 68 28.60 -4.55 3.86
CA GLN C 68 27.75 -3.48 3.37
C GLN C 68 26.32 -3.67 3.87
N GLN C 69 25.60 -2.56 3.93
CA GLN C 69 24.20 -2.59 4.30
C GLN C 69 23.51 -1.86 3.13
N ALA C 70 22.30 -2.31 2.77
CA ALA C 70 21.55 -1.69 1.68
C ALA C 70 20.18 -1.27 2.21
N ASP C 71 19.56 -0.31 1.55
CA ASP C 71 18.25 0.18 1.98
C ASP C 71 17.09 -0.53 1.29
N ALA C 72 17.22 -1.83 1.08
CA ALA C 72 16.22 -2.62 0.41
C ALA C 72 16.14 -3.98 1.10
N GLU C 73 14.94 -4.57 1.15
CA GLU C 73 14.80 -5.89 1.76
C GLU C 73 15.14 -6.81 0.59
N LEU C 74 16.11 -7.69 0.81
CA LEU C 74 16.58 -8.60 -0.23
C LEU C 74 16.19 -10.07 -0.12
N LEU C 75 15.89 -10.67 -1.27
CA LEU C 75 15.60 -12.09 -1.35
C LEU C 75 16.62 -12.64 -2.32
N LEU C 76 17.66 -13.21 -1.73
CA LEU C 76 18.81 -13.79 -2.41
C LEU C 76 18.56 -15.24 -2.86
N VAL C 77 18.87 -15.52 -4.12
CA VAL C 77 18.70 -16.84 -4.72
C VAL C 77 19.96 -17.25 -5.49
N VAL C 78 20.52 -18.41 -5.15
CA VAL C 78 21.69 -18.94 -5.82
C VAL C 78 21.29 -19.72 -7.09
N ARG C 79 21.75 -19.22 -8.23
CA ARG C 79 21.45 -19.83 -9.52
C ARG C 79 22.54 -20.82 -9.99
N SER C 80 23.57 -21.01 -9.16
CA SER C 80 24.69 -21.94 -9.40
C SER C 80 25.84 -21.67 -8.46
N GLY C 81 26.44 -22.75 -7.95
CA GLY C 81 27.56 -22.65 -7.03
C GLY C 81 27.15 -22.72 -5.58
N SER C 82 28.06 -22.29 -4.71
CA SER C 82 27.81 -22.33 -3.28
C SER C 82 28.20 -21.01 -2.67
N ALA C 83 27.67 -20.69 -1.51
CA ALA C 83 28.05 -19.44 -0.89
C ALA C 83 27.87 -19.54 0.58
N ILE C 84 28.63 -18.76 1.32
CA ILE C 84 28.50 -18.70 2.78
C ILE C 84 28.06 -17.25 2.98
N LEU C 85 26.93 -17.08 3.62
CA LEU C 85 26.40 -15.76 3.88
C LEU C 85 26.39 -15.46 5.37
N VAL C 86 26.92 -14.30 5.76
CA VAL C 86 26.90 -13.92 7.15
C VAL C 86 26.28 -12.56 7.36
N LEU C 87 25.28 -12.55 8.24
CA LEU C 87 24.50 -11.37 8.66
C LEU C 87 25.02 -10.90 10.01
N VAL C 88 25.37 -9.62 10.10
CA VAL C 88 25.93 -9.06 11.34
C VAL C 88 24.95 -8.12 12.03
N LYS C 89 24.70 -8.41 13.30
CA LYS C 89 23.76 -7.65 14.10
C LYS C 89 24.52 -6.75 15.07
N PRO C 90 23.96 -5.57 15.40
CA PRO C 90 24.54 -4.59 16.33
C PRO C 90 24.70 -5.05 17.78
N ASP C 91 23.82 -5.95 18.21
CA ASP C 91 23.86 -6.48 19.57
C ASP C 91 24.79 -7.69 19.74
N ASP C 92 25.94 -7.68 19.06
CA ASP C 92 26.93 -8.76 19.17
C ASP C 92 26.31 -10.11 18.88
N ARG C 93 25.67 -10.22 17.72
CA ARG C 93 25.04 -11.47 17.33
C ARG C 93 25.26 -11.67 15.83
N ARG C 94 25.43 -12.90 15.39
CA ARG C 94 25.65 -13.14 13.97
C ARG C 94 24.80 -14.29 13.44
N GLU C 95 24.62 -14.35 12.13
CA GLU C 95 23.84 -15.42 11.53
C GLU C 95 24.59 -15.93 10.32
N TYR C 96 24.83 -17.24 10.30
CA TYR C 96 25.59 -17.91 9.24
C TYR C 96 24.72 -18.78 8.38
N PHE C 97 24.96 -18.78 7.08
CA PHE C 97 24.15 -19.57 6.14
C PHE C 97 24.96 -20.20 5.02
N PHE C 98 24.78 -21.49 4.77
CA PHE C 98 25.44 -22.09 3.63
C PHE C 98 24.33 -22.33 2.59
N LEU C 99 24.54 -21.81 1.39
CA LEU C 99 23.54 -21.90 0.32
C LEU C 99 24.12 -22.59 -0.90
N THR C 100 23.31 -23.43 -1.53
CA THR C 100 23.74 -24.16 -2.72
C THR C 100 22.55 -24.24 -3.66
N SER C 101 22.84 -24.43 -4.95
CA SER C 101 21.79 -24.51 -5.95
C SER C 101 21.07 -25.84 -6.13
N ASP C 102 21.84 -26.94 -6.21
CA ASP C 102 21.26 -28.26 -6.47
C ASP C 102 21.17 -29.38 -5.44
N ASN C 103 22.15 -29.53 -4.54
CA ASN C 103 22.05 -30.61 -3.56
C ASN C 103 20.98 -30.35 -2.49
N PRO C 104 19.87 -31.12 -2.53
CA PRO C 104 18.69 -31.08 -1.65
C PRO C 104 18.92 -30.94 -0.14
N ILE C 105 20.18 -30.87 0.29
CA ILE C 105 20.51 -30.76 1.72
C ILE C 105 20.62 -29.36 2.29
N PHE C 106 20.99 -28.38 1.48
CA PHE C 106 21.13 -27.00 1.94
C PHE C 106 20.15 -26.15 1.14
N SER C 107 19.84 -24.96 1.63
CA SER C 107 18.90 -24.07 0.92
C SER C 107 19.56 -23.27 -0.21
N ASP C 108 18.75 -22.88 -1.20
CA ASP C 108 19.29 -22.09 -2.30
C ASP C 108 18.93 -20.61 -2.18
N HIS C 109 18.28 -20.22 -1.09
CA HIS C 109 17.86 -18.83 -0.95
C HIS C 109 17.73 -18.40 0.49
N GLN C 110 17.83 -17.08 0.70
CA GLN C 110 17.72 -16.48 2.03
C GLN C 110 17.27 -15.02 1.87
N LYS C 111 16.51 -14.53 2.85
CA LYS C 111 16.07 -13.14 2.82
C LYS C 111 16.98 -12.32 3.75
N ILE C 112 17.40 -11.16 3.28
CA ILE C 112 18.24 -10.29 4.07
C ILE C 112 17.42 -9.04 4.32
N PRO C 113 17.15 -8.74 5.59
CA PRO C 113 16.36 -7.55 5.90
C PRO C 113 17.08 -6.24 5.55
N ALA C 114 16.30 -5.17 5.44
CA ALA C 114 16.84 -3.87 5.10
C ALA C 114 17.80 -3.38 6.17
N GLY C 115 18.83 -2.66 5.73
CA GLY C 115 19.82 -2.14 6.67
C GLY C 115 20.65 -3.12 7.48
N THR C 116 20.69 -4.40 7.09
CA THR C 116 21.50 -5.38 7.80
C THR C 116 22.87 -5.48 7.12
N ILE C 117 23.93 -5.42 7.91
CA ILE C 117 25.31 -5.50 7.40
C ILE C 117 25.52 -6.94 7.00
N PHE C 118 26.11 -7.19 5.84
CA PHE C 118 26.35 -8.58 5.45
C PHE C 118 27.54 -8.77 4.54
N TYR C 119 28.08 -9.99 4.47
CA TYR C 119 29.18 -10.26 3.56
C TYR C 119 29.06 -11.70 3.08
N LEU C 120 29.51 -11.92 1.85
CA LEU C 120 29.38 -13.19 1.17
C LEU C 120 30.73 -13.79 0.74
N VAL C 121 30.89 -15.11 0.87
CA VAL C 121 32.13 -15.76 0.47
C VAL C 121 31.86 -16.87 -0.54
N ASN C 122 32.79 -17.07 -1.47
CA ASN C 122 32.68 -18.17 -2.43
C ASN C 122 33.70 -19.21 -1.96
N PRO C 123 33.24 -20.21 -1.21
CA PRO C 123 34.16 -21.23 -0.71
C PRO C 123 34.79 -22.13 -1.77
N ASP C 124 34.05 -22.42 -2.83
CA ASP C 124 34.54 -23.31 -3.86
C ASP C 124 35.85 -22.91 -4.54
N PRO C 125 36.78 -23.88 -4.68
CA PRO C 125 38.10 -23.70 -5.31
C PRO C 125 38.09 -23.75 -6.84
N LYS C 126 36.98 -24.16 -7.44
CA LYS C 126 36.93 -24.28 -8.89
C LYS C 126 35.71 -23.63 -9.56
N GLU C 127 34.57 -23.60 -8.87
CA GLU C 127 33.32 -23.05 -9.38
C GLU C 127 33.08 -21.56 -9.13
N ASP C 128 32.30 -20.92 -9.99
CA ASP C 128 31.95 -19.50 -9.80
C ASP C 128 30.69 -19.50 -8.94
N LEU C 129 30.24 -18.33 -8.52
CA LEU C 129 29.03 -18.19 -7.71
C LEU C 129 28.10 -17.25 -8.45
N ARG C 130 26.93 -17.75 -8.85
CA ARG C 130 25.98 -16.92 -9.57
C ARG C 130 24.73 -16.73 -8.70
N ILE C 131 24.41 -15.46 -8.43
CA ILE C 131 23.28 -15.06 -7.59
C ILE C 131 22.31 -14.13 -8.35
N ILE C 132 21.02 -14.35 -8.15
CA ILE C 132 19.99 -13.50 -8.75
C ILE C 132 19.18 -13.10 -7.51
N GLN C 133 18.83 -11.82 -7.40
CA GLN C 133 18.09 -11.39 -6.23
C GLN C 133 16.99 -10.35 -6.41
N LEU C 134 15.87 -10.56 -5.72
CA LEU C 134 14.75 -9.63 -5.78
C LEU C 134 14.99 -8.59 -4.66
N ALA C 135 14.75 -7.32 -4.97
CA ALA C 135 14.94 -6.25 -4.01
C ALA C 135 13.72 -5.37 -3.86
N MET C 136 13.36 -5.04 -2.63
CA MET C 136 12.24 -4.16 -2.34
C MET C 136 12.78 -2.99 -1.52
N PRO C 137 13.17 -1.89 -2.20
CA PRO C 137 13.73 -0.67 -1.60
C PRO C 137 12.78 0.04 -0.65
N VAL C 138 13.34 0.63 0.39
CA VAL C 138 12.57 1.31 1.41
C VAL C 138 12.32 2.80 1.16
N ASN C 139 13.36 3.50 0.75
CA ASN C 139 13.31 4.94 0.58
C ASN C 139 12.58 5.54 -0.63
N ASN C 140 12.89 5.00 -1.81
CA ASN C 140 12.30 5.44 -3.08
C ASN C 140 12.66 4.33 -4.06
N PRO C 141 12.36 4.47 -5.38
CA PRO C 141 12.70 3.40 -6.33
C PRO C 141 14.16 2.97 -6.56
N GLN C 142 15.11 3.80 -6.14
CA GLN C 142 16.53 3.47 -6.30
C GLN C 142 16.97 2.57 -5.17
N ILE C 143 17.90 1.66 -5.48
CA ILE C 143 18.47 0.75 -4.50
C ILE C 143 19.87 1.29 -4.18
N HIS C 144 20.16 1.57 -2.91
CA HIS C 144 21.47 2.11 -2.49
C HIS C 144 22.21 1.06 -1.67
N GLU C 145 23.53 0.96 -1.87
CA GLU C 145 24.40 0.00 -1.15
C GLU C 145 25.54 0.75 -0.47
N PHE C 146 25.55 0.82 0.85
CA PHE C 146 26.62 1.52 1.52
C PHE C 146 27.74 0.56 1.88
N PHE C 147 28.91 0.74 1.26
CA PHE C 147 30.08 -0.09 1.53
C PHE C 147 30.96 0.48 2.66
N LEU C 148 31.27 -0.36 3.64
CA LEU C 148 32.08 0.01 4.80
C LEU C 148 33.55 0.12 4.47
N SER C 149 33.94 -0.57 3.42
CA SER C 149 35.33 -0.62 2.96
C SER C 149 35.95 0.65 2.36
N SER C 150 37.28 0.66 2.38
CA SER C 150 38.10 1.72 1.80
C SER C 150 38.93 0.96 0.75
N THR C 151 38.64 1.18 -0.52
CA THR C 151 39.42 0.53 -1.57
C THR C 151 39.71 1.54 -2.68
N GLU C 152 40.59 1.17 -3.61
CA GLU C 152 40.93 2.03 -4.73
C GLU C 152 39.66 2.44 -5.46
N ALA C 153 38.68 1.53 -5.48
CA ALA C 153 37.39 1.74 -6.16
C ALA C 153 36.43 2.68 -5.46
N GLN C 154 36.35 2.59 -4.15
CA GLN C 154 35.41 3.43 -3.44
C GLN C 154 35.87 3.74 -2.05
N GLN C 155 35.41 4.86 -1.53
CA GLN C 155 35.74 5.24 -0.18
C GLN C 155 34.64 4.78 0.75
N SER C 156 35.00 4.62 2.01
CA SER C 156 34.06 4.19 3.01
C SER C 156 33.17 5.39 3.40
N TYR C 157 31.90 5.15 3.74
CA TYR C 157 31.03 6.25 4.15
C TYR C 157 31.53 6.87 5.44
N LEU C 158 32.48 6.20 6.08
CA LEU C 158 33.09 6.72 7.30
C LEU C 158 33.83 7.97 6.90
N GLN C 159 34.59 7.88 5.80
CA GLN C 159 35.38 9.01 5.23
C GLN C 159 34.58 10.29 4.88
N GLU C 160 33.26 10.22 4.98
CA GLU C 160 32.42 11.33 4.64
C GLU C 160 32.04 12.29 5.78
N PHE C 161 32.38 11.92 7.02
CA PHE C 161 32.07 12.77 8.16
C PHE C 161 33.28 13.67 8.39
N SER C 162 33.11 14.67 9.23
CA SER C 162 34.20 15.61 9.50
C SER C 162 35.30 15.06 10.40
N LYS C 163 36.54 15.41 10.10
CA LYS C 163 37.72 14.99 10.86
C LYS C 163 37.52 15.11 12.35
N HIS C 164 36.97 16.24 12.79
CA HIS C 164 36.74 16.46 14.20
C HIS C 164 35.63 15.60 14.79
N ILE C 165 34.65 15.22 13.96
CA ILE C 165 33.56 14.35 14.41
C ILE C 165 34.13 12.93 14.54
N LEU C 166 34.97 12.54 13.57
CA LEU C 166 35.59 11.22 13.59
C LEU C 166 36.52 11.13 14.81
N GLU C 167 37.20 12.23 15.14
CA GLU C 167 38.11 12.27 16.28
C GLU C 167 37.37 12.08 17.60
N ALA C 168 36.30 12.83 17.78
CA ALA C 168 35.50 12.74 19.00
C ALA C 168 34.88 11.34 19.11
N SER C 169 34.38 10.82 17.98
CA SER C 169 33.75 9.52 17.95
C SER C 169 34.68 8.38 18.36
N PHE C 170 35.83 8.29 17.71
CA PHE C 170 36.81 7.25 17.99
C PHE C 170 37.79 7.53 19.14
N ASN C 171 37.75 8.76 19.66
CA ASN C 171 38.64 9.15 20.77
C ASN C 171 40.06 8.78 20.33
N SER C 172 40.44 9.36 19.21
CA SER C 172 41.73 9.14 18.61
C SER C 172 42.08 10.36 17.78
N LYS C 173 43.36 10.57 17.53
CA LYS C 173 43.79 11.69 16.71
C LYS C 173 43.58 11.24 15.27
N PHE C 174 43.09 12.15 14.44
CA PHE C 174 42.84 11.82 13.05
C PHE C 174 44.00 11.21 12.26
N GLU C 175 45.22 11.37 12.73
CA GLU C 175 46.36 10.81 12.02
C GLU C 175 46.40 9.27 12.13
N GLU C 176 46.04 8.78 13.33
CA GLU C 176 45.99 7.35 13.65
C GLU C 176 44.70 6.74 13.05
N ILE C 177 43.63 7.53 13.07
CA ILE C 177 42.36 7.12 12.51
C ILE C 177 42.60 6.90 11.02
N ASN C 178 43.25 7.86 10.37
CA ASN C 178 43.57 7.73 8.95
C ASN C 178 44.56 6.59 8.70
N ARG C 179 45.53 6.44 9.59
CA ARG C 179 46.53 5.38 9.47
C ARG C 179 45.81 4.05 9.42
N VAL C 180 45.33 3.64 10.58
CA VAL C 180 44.64 2.38 10.79
C VAL C 180 43.47 1.99 9.86
N LEU C 181 42.72 2.97 9.38
CA LEU C 181 41.54 2.72 8.55
C LEU C 181 41.59 3.06 7.08
N PHE C 182 41.84 4.32 6.77
CA PHE C 182 41.83 4.83 5.41
C PHE C 182 43.11 4.94 4.59
N GLU C 183 44.28 4.77 5.20
CA GLU C 183 45.54 4.92 4.47
C GLU C 183 45.58 4.16 3.13
N GLU C 184 45.61 4.88 2.02
CA GLU C 184 45.65 4.21 0.72
C GLU C 184 46.91 3.39 0.48
N GLU C 185 47.87 3.58 1.37
CA GLU C 185 49.14 2.85 1.31
C GLU C 185 48.90 1.49 2.00
N GLY C 186 47.82 0.82 1.63
CA GLY C 186 47.52 -0.47 2.25
C GLY C 186 46.14 -1.02 1.95
N GLN C 187 45.39 -0.33 1.10
CA GLN C 187 44.05 -0.78 0.78
C GLN C 187 43.91 -1.74 -0.40
N GLN C 188 42.76 -2.39 -0.49
CA GLN C 188 42.53 -3.31 -1.59
C GLN C 188 42.11 -2.53 -2.83
N GLU C 189 42.15 -3.21 -3.95
CA GLU C 189 41.80 -2.63 -5.24
C GLU C 189 40.29 -2.44 -5.42
N GLY C 190 39.49 -3.31 -4.80
CA GLY C 190 38.04 -3.21 -4.92
C GLY C 190 37.24 -3.96 -3.86
N VAL C 191 35.92 -3.99 -4.06
CA VAL C 191 34.99 -4.61 -3.12
C VAL C 191 34.87 -6.12 -3.22
N ILE C 192 35.28 -6.69 -4.35
CA ILE C 192 35.27 -8.14 -4.53
C ILE C 192 36.75 -8.40 -4.44
N VAL C 193 37.11 -9.19 -3.44
CA VAL C 193 38.52 -9.45 -3.15
C VAL C 193 38.82 -10.94 -3.09
N ASN C 194 40.10 -11.28 -3.22
CA ASN C 194 40.51 -12.68 -3.22
C ASN C 194 40.91 -13.19 -1.84
N ILE C 195 40.49 -14.40 -1.47
CA ILE C 195 40.89 -14.93 -0.16
C ILE C 195 41.59 -16.29 -0.17
N ASP C 196 41.97 -16.76 1.01
CA ASP C 196 42.68 -18.01 1.17
C ASP C 196 41.77 -19.07 1.74
N SER C 197 41.87 -20.27 1.18
CA SER C 197 41.09 -21.42 1.65
C SER C 197 41.30 -21.65 3.16
N GLU C 198 42.53 -21.41 3.60
CA GLU C 198 42.91 -21.59 4.98
C GLU C 198 42.25 -20.56 5.87
N GLN C 199 42.16 -19.32 5.43
CA GLN C 199 41.51 -18.28 6.23
C GLN C 199 40.11 -18.71 6.67
N ILE C 200 39.25 -19.06 5.71
CA ILE C 200 37.88 -19.45 6.03
C ILE C 200 37.66 -20.84 6.61
N LYS C 201 38.70 -21.41 7.22
CA LYS C 201 38.63 -22.76 7.81
C LYS C 201 37.54 -22.96 8.89
N GLU C 202 37.51 -22.06 9.88
CA GLU C 202 36.54 -22.13 10.99
C GLU C 202 35.12 -21.90 10.49
N LEU C 203 34.97 -20.81 9.75
CA LEU C 203 33.71 -20.33 9.16
C LEU C 203 32.92 -21.43 8.43
N SER C 204 33.47 -21.87 7.29
CA SER C 204 32.84 -22.88 6.46
C SER C 204 32.26 -24.03 7.27
N LYS C 205 33.02 -24.50 8.25
CA LYS C 205 32.58 -25.60 9.09
C LYS C 205 31.26 -25.28 9.77
N HIS C 206 31.23 -24.19 10.52
CA HIS C 206 30.01 -23.81 11.22
C HIS C 206 28.87 -23.47 10.28
N ALA C 207 29.21 -22.90 9.13
CA ALA C 207 28.24 -22.57 8.13
C ALA C 207 27.54 -23.90 7.79
N LYS C 208 28.31 -24.86 7.26
CA LYS C 208 27.75 -26.15 6.90
C LYS C 208 27.08 -26.91 8.05
N SER C 209 27.36 -26.54 9.28
CA SER C 209 26.72 -27.22 10.42
C SER C 209 25.41 -26.55 10.78
N SER C 210 25.17 -25.36 10.25
CA SER C 210 23.92 -24.66 10.52
C SER C 210 23.00 -24.81 9.31
N ASN C 220 7.23 -30.01 -3.62
CA ASN C 220 6.81 -28.77 -4.29
C ASN C 220 7.02 -28.88 -5.80
N THR C 221 7.64 -29.98 -6.23
CA THR C 221 7.95 -30.23 -7.64
C THR C 221 6.83 -30.88 -8.44
N ILE C 222 6.69 -30.45 -9.68
CA ILE C 222 5.70 -31.00 -10.57
C ILE C 222 6.41 -30.99 -11.89
N GLY C 223 6.62 -32.17 -12.44
CA GLY C 223 7.31 -32.29 -13.71
C GLY C 223 7.36 -33.70 -14.27
N ASN C 224 7.98 -33.83 -15.43
CA ASN C 224 8.06 -35.10 -16.09
C ASN C 224 9.37 -35.17 -16.85
N GLU C 225 9.41 -35.97 -17.92
CA GLU C 225 10.62 -36.12 -18.73
C GLU C 225 10.96 -34.87 -19.54
N PHE C 226 9.99 -33.98 -19.73
CA PHE C 226 10.20 -32.76 -20.50
C PHE C 226 10.59 -31.55 -19.70
N GLY C 227 10.14 -31.49 -18.47
CA GLY C 227 10.47 -30.36 -17.64
C GLY C 227 10.07 -30.54 -16.20
N ASN C 228 10.63 -29.70 -15.34
CA ASN C 228 10.32 -29.76 -13.91
C ASN C 228 10.09 -28.37 -13.34
N LEU C 229 9.01 -28.20 -12.58
CA LEU C 229 8.71 -26.93 -11.94
C LEU C 229 8.86 -27.13 -10.44
N THR C 230 9.45 -26.16 -9.76
CA THR C 230 9.62 -26.24 -8.31
C THR C 230 9.38 -24.83 -7.76
N GLU C 231 8.29 -24.67 -7.02
CA GLU C 231 7.93 -23.39 -6.41
C GLU C 231 7.87 -23.43 -4.89
N ARG C 232 8.01 -22.26 -4.28
CA ARG C 232 7.98 -22.12 -2.84
C ARG C 232 7.38 -20.74 -2.62
N THR C 233 6.69 -20.56 -1.50
CA THR C 233 6.07 -19.28 -1.17
C THR C 233 6.39 -18.75 0.22
N ASP C 234 7.08 -17.63 0.30
CA ASP C 234 7.41 -16.98 1.56
C ASP C 234 6.15 -16.23 1.99
N ASN C 235 5.31 -16.88 2.78
CA ASN C 235 4.05 -16.30 3.25
C ASN C 235 4.15 -14.95 3.95
N SER C 236 5.27 -14.69 4.61
CA SER C 236 5.48 -13.42 5.27
C SER C 236 5.70 -12.33 4.25
N LEU C 237 6.41 -12.66 3.18
CA LEU C 237 6.68 -11.69 2.14
C LEU C 237 5.72 -11.72 0.96
N ASN C 238 4.80 -12.68 0.94
CA ASN C 238 3.81 -12.80 -0.11
C ASN C 238 4.47 -12.85 -1.49
N VAL C 239 5.62 -13.54 -1.56
CA VAL C 239 6.37 -13.70 -2.79
C VAL C 239 6.65 -15.19 -3.00
N LEU C 240 6.56 -15.60 -4.27
CA LEU C 240 6.76 -16.96 -4.74
C LEU C 240 8.09 -17.06 -5.52
N ILE C 241 8.78 -18.19 -5.37
CA ILE C 241 10.07 -18.44 -6.02
C ILE C 241 9.98 -19.72 -6.84
N SER C 242 10.21 -19.62 -8.15
CA SER C 242 10.14 -20.79 -9.03
C SER C 242 11.48 -21.11 -9.68
N SER C 243 11.61 -22.36 -10.12
CA SER C 243 12.80 -22.84 -10.82
C SER C 243 12.25 -23.73 -11.91
N ILE C 244 12.64 -23.47 -13.16
CA ILE C 244 12.16 -24.29 -14.27
C ILE C 244 13.35 -24.83 -15.07
N GLU C 245 13.28 -26.11 -15.44
CA GLU C 245 14.30 -26.76 -16.28
C GLU C 245 13.46 -27.43 -17.34
N MET C 246 13.86 -27.31 -18.60
CA MET C 246 13.15 -27.92 -19.70
C MET C 246 14.13 -28.54 -20.72
N GLU C 247 13.71 -29.67 -21.31
CA GLU C 247 14.53 -30.33 -22.32
C GLU C 247 14.30 -29.62 -23.65
N GLU C 248 15.37 -29.45 -24.43
CA GLU C 248 15.23 -28.75 -25.69
C GLU C 248 14.13 -29.40 -26.50
N GLY C 249 13.26 -28.56 -27.06
CA GLY C 249 12.15 -29.05 -27.85
C GLY C 249 10.90 -29.31 -27.03
N ALA C 250 10.92 -28.89 -25.77
CA ALA C 250 9.78 -29.06 -24.85
C ALA C 250 8.88 -27.82 -24.83
N LEU C 251 7.64 -28.01 -24.39
CA LEU C 251 6.68 -26.93 -24.32
C LEU C 251 5.93 -26.91 -22.98
N PHE C 252 5.88 -25.73 -22.35
CA PHE C 252 5.12 -25.53 -21.12
C PHE C 252 3.84 -25.00 -21.78
N VAL C 253 2.87 -25.89 -21.98
CA VAL C 253 1.60 -25.55 -22.65
C VAL C 253 0.92 -24.28 -22.13
N PRO C 254 0.04 -23.66 -22.95
CA PRO C 254 -0.67 -22.45 -22.55
C PRO C 254 -1.30 -22.54 -21.14
N HIS C 255 -1.18 -21.47 -20.34
CA HIS C 255 -1.71 -21.47 -18.98
C HIS C 255 -1.64 -20.05 -18.40
N TYR C 256 -2.16 -19.86 -17.18
CA TYR C 256 -2.08 -18.56 -16.51
C TYR C 256 -2.12 -18.65 -14.97
N TYR C 257 -1.54 -17.66 -14.29
CA TYR C 257 -1.54 -17.58 -12.81
C TYR C 257 -2.66 -16.59 -12.49
N SER C 258 -3.58 -16.99 -11.61
CA SER C 258 -4.73 -16.18 -11.25
C SER C 258 -4.48 -14.77 -10.71
N LYS C 259 -3.50 -14.64 -9.83
CA LYS C 259 -3.22 -13.34 -9.22
C LYS C 259 -1.78 -12.91 -9.10
N ALA C 260 -0.83 -13.83 -9.24
CA ALA C 260 0.57 -13.45 -9.14
C ALA C 260 1.15 -12.82 -10.42
N ILE C 261 1.96 -11.76 -10.25
CA ILE C 261 2.67 -11.09 -11.35
C ILE C 261 4.06 -11.73 -11.38
N VAL C 262 4.36 -12.50 -12.44
CA VAL C 262 5.63 -13.23 -12.57
C VAL C 262 6.75 -12.58 -13.42
N ILE C 263 7.92 -12.49 -12.80
CA ILE C 263 9.15 -11.94 -13.39
C ILE C 263 10.06 -13.16 -13.72
N LEU C 264 10.39 -13.37 -15.00
CA LEU C 264 11.20 -14.51 -15.45
C LEU C 264 12.61 -14.13 -15.84
N VAL C 265 13.59 -14.89 -15.36
CA VAL C 265 15.01 -14.65 -15.66
C VAL C 265 15.61 -15.92 -16.27
N VAL C 266 16.26 -15.79 -17.42
CA VAL C 266 16.87 -16.93 -18.08
C VAL C 266 18.26 -17.09 -17.47
N ASN C 267 18.53 -18.24 -16.85
CA ASN C 267 19.83 -18.48 -16.24
C ASN C 267 20.82 -19.01 -17.25
N GLU C 268 20.38 -20.02 -17.98
CA GLU C 268 21.16 -20.66 -19.04
C GLU C 268 20.18 -21.14 -20.09
N GLY C 269 20.61 -21.12 -21.34
CA GLY C 269 19.77 -21.61 -22.43
C GLY C 269 18.99 -20.59 -23.24
N GLU C 270 18.16 -21.12 -24.14
CA GLU C 270 17.31 -20.32 -25.02
C GLU C 270 15.87 -20.84 -25.06
N ALA C 271 14.91 -19.90 -25.15
CA ALA C 271 13.48 -20.23 -25.19
C ALA C 271 12.67 -19.28 -26.07
N HIS C 272 11.51 -19.73 -26.51
CA HIS C 272 10.61 -18.91 -27.31
C HIS C 272 9.34 -18.73 -26.48
N VAL C 273 8.95 -17.47 -26.29
CA VAL C 273 7.79 -17.16 -25.48
C VAL C 273 6.69 -16.45 -26.25
N GLU C 274 5.45 -16.82 -25.92
CA GLU C 274 4.26 -16.24 -26.51
C GLU C 274 3.31 -15.83 -25.36
N LEU C 275 3.01 -14.54 -25.30
CA LEU C 275 2.14 -13.95 -24.27
C LEU C 275 0.96 -13.31 -24.93
N VAL C 276 -0.25 -13.53 -24.42
CA VAL C 276 -1.45 -12.92 -25.01
C VAL C 276 -1.96 -11.82 -24.11
N GLY C 277 -1.90 -10.59 -24.60
CA GLY C 277 -2.35 -9.46 -23.82
C GLY C 277 -3.34 -8.63 -24.61
N PRO C 278 -3.79 -7.50 -24.04
CA PRO C 278 -4.74 -6.62 -24.72
C PRO C 278 -4.01 -5.80 -25.79
N LYS C 279 -4.73 -5.16 -26.69
CA LYS C 279 -4.04 -4.37 -27.71
C LYS C 279 -3.38 -3.08 -27.19
N GLY C 280 -3.67 -2.70 -25.95
CA GLY C 280 -3.06 -1.50 -25.41
C GLY C 280 -3.29 -1.30 -23.93
N GLU C 283 -8.87 -1.13 -22.88
CA GLU C 283 -10.02 -1.94 -22.47
C GLU C 283 -10.94 -2.33 -23.63
N THR C 284 -10.49 -3.26 -24.46
CA THR C 284 -11.31 -3.69 -25.58
C THR C 284 -11.43 -5.18 -25.37
N LEU C 285 -11.97 -5.87 -26.35
CA LEU C 285 -12.07 -7.30 -26.24
C LEU C 285 -11.09 -7.89 -27.28
N GLU C 286 -10.19 -7.03 -27.76
CA GLU C 286 -9.16 -7.38 -28.74
C GLU C 286 -7.89 -7.81 -28.04
N TYR C 287 -7.33 -8.94 -28.43
CA TYR C 287 -6.08 -9.40 -27.82
C TYR C 287 -4.97 -9.22 -28.84
N GLU C 288 -3.73 -9.36 -28.40
CA GLU C 288 -2.58 -9.20 -29.26
C GLU C 288 -1.48 -10.07 -28.70
N SER C 289 -0.77 -10.72 -29.61
CA SER C 289 0.30 -11.63 -29.26
C SER C 289 1.63 -10.90 -29.12
N TYR C 290 2.26 -11.04 -27.95
CA TYR C 290 3.54 -10.44 -27.68
C TYR C 290 4.51 -11.64 -27.67
N ARG C 291 5.47 -11.67 -28.59
CA ARG C 291 6.43 -12.78 -28.70
C ARG C 291 7.88 -12.35 -28.60
N ALA C 292 8.73 -13.27 -28.15
CA ALA C 292 10.17 -13.02 -28.03
C ALA C 292 11.02 -14.32 -28.01
N GLU C 293 12.30 -14.18 -28.31
CA GLU C 293 13.26 -15.28 -28.28
C GLU C 293 14.17 -14.86 -27.15
N LEU C 294 14.08 -15.58 -26.04
CA LEU C 294 14.85 -15.30 -24.84
C LEU C 294 16.17 -16.10 -24.79
N SER C 295 17.15 -15.53 -24.11
CA SER C 295 18.47 -16.14 -23.91
C SER C 295 19.05 -15.56 -22.63
N LYS C 296 20.13 -16.17 -22.15
CA LYS C 296 20.83 -15.79 -20.91
C LYS C 296 20.76 -14.33 -20.43
N ASP C 297 20.25 -14.16 -19.21
CA ASP C 297 20.09 -12.88 -18.52
C ASP C 297 19.00 -11.91 -19.07
N ASP C 298 18.05 -12.45 -19.83
CA ASP C 298 16.94 -11.64 -20.36
C ASP C 298 15.80 -11.70 -19.32
N VAL C 299 15.11 -10.60 -19.11
CA VAL C 299 13.99 -10.61 -18.16
C VAL C 299 12.68 -10.45 -18.95
N PHE C 300 11.73 -11.35 -18.74
CA PHE C 300 10.42 -11.27 -19.39
C PHE C 300 9.31 -11.24 -18.32
N VAL C 301 8.45 -10.22 -18.37
CA VAL C 301 7.36 -10.08 -17.41
C VAL C 301 6.05 -10.71 -17.88
N ILE C 302 5.39 -11.43 -16.96
CA ILE C 302 4.10 -12.14 -17.20
C ILE C 302 3.04 -11.66 -16.19
N PRO C 303 2.16 -10.74 -16.62
CA PRO C 303 1.10 -10.14 -15.83
C PRO C 303 0.11 -11.15 -15.37
N ALA C 304 -0.53 -10.88 -14.23
CA ALA C 304 -1.52 -11.77 -13.64
C ALA C 304 -2.67 -12.03 -14.61
N ALA C 305 -3.07 -13.30 -14.72
CA ALA C 305 -4.17 -13.76 -15.56
C ALA C 305 -4.01 -13.67 -17.10
N TYR C 306 -2.87 -13.19 -17.58
CA TYR C 306 -2.58 -13.11 -19.03
C TYR C 306 -2.05 -14.48 -19.49
N PRO C 307 -2.68 -15.12 -20.49
CA PRO C 307 -2.26 -16.45 -21.00
C PRO C 307 -0.82 -16.49 -21.55
N VAL C 308 -0.11 -17.62 -21.37
CA VAL C 308 1.29 -17.71 -21.84
C VAL C 308 1.71 -19.15 -22.18
N ALA C 309 2.70 -19.30 -23.09
CA ALA C 309 3.26 -20.62 -23.51
C ALA C 309 4.73 -20.41 -23.75
N ILE C 310 5.54 -21.41 -23.40
CA ILE C 310 7.00 -21.33 -23.58
C ILE C 310 7.54 -22.58 -24.24
N LYS C 311 8.17 -22.39 -25.39
CA LYS C 311 8.77 -23.43 -26.19
C LYS C 311 10.28 -23.39 -25.97
N ALA C 312 10.84 -24.45 -25.38
CA ALA C 312 12.29 -24.53 -25.11
C ALA C 312 13.05 -24.78 -26.41
N THR C 313 13.93 -23.86 -26.81
CA THR C 313 14.66 -24.04 -28.05
C THR C 313 16.03 -24.62 -27.86
N SER C 314 16.42 -24.76 -26.61
CA SER C 314 17.69 -25.35 -26.28
C SER C 314 17.48 -25.76 -24.84
N ASN C 315 18.33 -26.62 -24.30
CA ASN C 315 18.16 -26.99 -22.92
C ASN C 315 18.17 -25.65 -22.18
N VAL C 316 17.10 -25.36 -21.44
CA VAL C 316 17.00 -24.07 -20.77
C VAL C 316 16.54 -24.12 -19.31
N ASN C 317 17.06 -23.24 -18.49
CA ASN C 317 16.62 -23.16 -17.10
C ASN C 317 16.34 -21.72 -16.67
N PHE C 318 15.19 -21.54 -16.02
CA PHE C 318 14.73 -20.24 -15.57
C PHE C 318 14.59 -20.18 -14.05
N THR C 319 14.65 -18.96 -13.53
CA THR C 319 14.41 -18.67 -12.13
C THR C 319 13.44 -17.49 -12.21
N GLY C 320 12.34 -17.56 -11.49
CA GLY C 320 11.40 -16.45 -11.55
C GLY C 320 10.84 -16.10 -10.20
N PHE C 321 10.38 -14.87 -10.06
CA PHE C 321 9.78 -14.44 -8.80
C PHE C 321 8.32 -14.15 -9.07
N GLY C 322 7.46 -14.52 -8.14
CA GLY C 322 6.04 -14.26 -8.28
C GLY C 322 5.55 -13.35 -7.15
N ILE C 323 5.21 -12.10 -7.46
CA ILE C 323 4.72 -11.18 -6.43
C ILE C 323 3.20 -11.23 -6.38
N ASN C 324 2.65 -10.98 -5.19
CA ASN C 324 1.20 -11.02 -4.95
C ASN C 324 0.82 -12.46 -5.17
N ALA C 325 1.53 -13.33 -4.47
CA ALA C 325 1.37 -14.77 -4.61
C ALA C 325 0.46 -15.52 -3.63
N ASN C 326 0.14 -14.94 -2.47
CA ASN C 326 -0.68 -15.70 -1.54
C ASN C 326 -2.05 -16.00 -2.15
N ASN C 327 -2.39 -17.30 -2.14
CA ASN C 327 -3.65 -17.82 -2.70
C ASN C 327 -3.69 -18.02 -4.20
N ASN C 328 -2.59 -17.75 -4.89
CA ASN C 328 -2.57 -17.91 -6.33
C ASN C 328 -2.97 -19.30 -6.79
N ASN C 329 -3.48 -19.40 -8.01
CA ASN C 329 -3.87 -20.68 -8.61
C ASN C 329 -3.34 -20.72 -10.04
N ARG C 330 -2.88 -21.91 -10.44
CA ARG C 330 -2.36 -22.19 -11.77
C ARG C 330 -3.44 -22.80 -12.66
N ASN C 331 -3.75 -22.13 -13.77
CA ASN C 331 -4.80 -22.61 -14.69
C ASN C 331 -4.29 -22.99 -16.07
N LEU C 332 -4.22 -24.29 -16.33
CA LEU C 332 -3.75 -24.79 -17.61
C LEU C 332 -4.87 -24.92 -18.64
N LEU C 333 -4.54 -24.68 -19.92
CA LEU C 333 -5.53 -24.73 -21.00
C LEU C 333 -5.40 -25.96 -21.89
N ALA C 334 -4.60 -26.92 -21.44
CA ALA C 334 -4.33 -28.16 -22.15
C ALA C 334 -3.64 -29.16 -21.19
N GLY C 335 -3.88 -30.46 -21.36
CA GLY C 335 -3.26 -31.47 -20.51
C GLY C 335 -4.22 -32.11 -19.51
N LYS C 336 -3.79 -33.19 -18.88
CA LYS C 336 -4.62 -33.92 -17.92
C LYS C 336 -4.70 -33.39 -16.49
N THR C 337 -3.73 -32.55 -16.10
CA THR C 337 -3.71 -31.95 -14.77
C THR C 337 -4.05 -30.44 -14.90
N ASP C 338 -4.72 -29.89 -13.89
CA ASP C 338 -5.14 -28.46 -13.81
C ASP C 338 -5.77 -27.79 -15.04
N ASN C 339 -6.44 -28.58 -15.88
CA ASN C 339 -7.07 -28.09 -17.09
C ASN C 339 -8.41 -27.39 -16.81
N VAL C 340 -8.45 -26.05 -16.87
CA VAL C 340 -9.70 -25.31 -16.62
C VAL C 340 -10.81 -25.56 -17.60
N ILE C 341 -10.46 -25.87 -18.84
CA ILE C 341 -11.50 -26.09 -19.84
C ILE C 341 -12.28 -27.35 -19.59
N SER C 342 -11.60 -28.43 -19.20
CA SER C 342 -12.33 -29.68 -18.88
C SER C 342 -13.10 -29.46 -17.58
N SER C 343 -12.55 -28.66 -16.69
CA SER C 343 -13.22 -28.38 -15.45
C SER C 343 -14.55 -27.70 -15.72
N ILE C 344 -14.70 -26.97 -16.83
CA ILE C 344 -15.99 -26.32 -17.17
C ILE C 344 -16.95 -27.39 -17.70
N GLY C 345 -16.39 -28.31 -18.48
CA GLY C 345 -17.15 -29.39 -19.07
C GLY C 345 -17.77 -30.28 -18.05
N ARG C 346 -17.09 -30.48 -16.93
CA ARG C 346 -17.65 -31.31 -15.87
C ARG C 346 -18.55 -30.52 -14.90
N ALA C 347 -19.10 -29.40 -15.32
CA ALA C 347 -19.96 -28.65 -14.42
C ALA C 347 -21.34 -29.17 -14.66
N LEU C 348 -22.23 -28.92 -13.71
CA LEU C 348 -23.64 -29.32 -13.74
C LEU C 348 -24.26 -29.17 -15.11
N ASP C 349 -23.78 -28.19 -15.87
CA ASP C 349 -24.30 -27.95 -17.22
C ASP C 349 -23.18 -27.98 -18.26
N GLY C 350 -21.95 -27.83 -17.78
CA GLY C 350 -20.75 -27.82 -18.61
C GLY C 350 -20.83 -27.95 -20.11
N LYS C 351 -21.14 -29.14 -20.59
CA LYS C 351 -21.24 -29.47 -22.01
C LYS C 351 -22.09 -28.45 -22.79
N ASP C 352 -23.24 -28.09 -22.23
CA ASP C 352 -24.14 -27.10 -22.83
C ASP C 352 -23.36 -25.80 -22.97
N VAL C 353 -22.75 -25.38 -21.86
CA VAL C 353 -21.95 -24.16 -21.81
C VAL C 353 -20.76 -24.19 -22.78
N LEU C 354 -20.07 -25.32 -22.90
CA LEU C 354 -18.93 -25.44 -23.82
C LEU C 354 -19.40 -25.43 -25.28
N GLY C 355 -20.63 -25.86 -25.51
CA GLY C 355 -21.16 -25.88 -26.85
C GLY C 355 -21.49 -24.51 -27.42
N LEU C 356 -21.77 -23.56 -26.54
CA LEU C 356 -22.10 -22.18 -26.92
C LEU C 356 -20.86 -21.34 -26.94
N THR C 357 -19.87 -21.76 -26.16
CA THR C 357 -18.60 -21.04 -26.08
C THR C 357 -17.74 -21.16 -27.35
N PHE C 358 -17.64 -22.39 -27.83
CA PHE C 358 -16.82 -22.70 -29.00
C PHE C 358 -17.64 -23.10 -30.20
N SER C 359 -17.00 -23.17 -31.36
CA SER C 359 -17.71 -23.52 -32.60
C SER C 359 -18.35 -24.92 -32.66
N GLY C 360 -17.64 -25.93 -32.19
CA GLY C 360 -18.14 -27.29 -32.21
C GLY C 360 -19.20 -27.55 -31.17
N SER C 361 -19.48 -28.82 -30.90
CA SER C 361 -20.48 -29.15 -29.89
C SER C 361 -19.73 -29.50 -28.62
N GLY C 362 -20.43 -29.59 -27.50
CA GLY C 362 -19.81 -29.88 -26.22
C GLY C 362 -19.10 -31.20 -26.13
N ASP C 363 -19.67 -32.22 -26.77
CA ASP C 363 -19.08 -33.55 -26.80
C ASP C 363 -17.81 -33.49 -27.64
N GLU C 364 -17.88 -32.77 -28.76
CA GLU C 364 -16.75 -32.59 -29.67
C GLU C 364 -15.53 -31.93 -29.01
N VAL C 365 -15.75 -30.81 -28.33
CA VAL C 365 -14.64 -30.11 -27.66
C VAL C 365 -14.08 -31.01 -26.56
N MET C 366 -14.98 -31.62 -25.80
CA MET C 366 -14.64 -32.49 -24.69
C MET C 366 -13.79 -33.68 -25.20
N LYS C 367 -14.05 -34.11 -26.44
CA LYS C 367 -13.31 -35.19 -27.06
C LYS C 367 -11.91 -34.66 -27.28
N LEU C 368 -11.80 -33.50 -27.92
CA LEU C 368 -10.48 -32.88 -28.23
C LEU C 368 -9.57 -32.66 -27.02
N ILE C 369 -10.15 -32.12 -25.95
CA ILE C 369 -9.46 -31.83 -24.69
C ILE C 369 -8.79 -33.05 -24.06
N ASN C 370 -9.27 -34.24 -24.42
CA ASN C 370 -8.72 -35.47 -23.87
C ASN C 370 -7.65 -36.15 -24.72
N LYS C 371 -7.34 -35.63 -25.91
CA LYS C 371 -6.29 -36.25 -26.73
C LYS C 371 -4.94 -36.11 -26.04
N GLN C 372 -4.70 -34.94 -25.46
CA GLN C 372 -3.44 -34.69 -24.75
C GLN C 372 -3.44 -35.47 -23.42
N SER C 373 -2.54 -36.45 -23.34
CA SER C 373 -2.41 -37.29 -22.15
C SER C 373 -1.34 -36.76 -21.22
N GLY C 374 -0.50 -35.88 -21.75
CA GLY C 374 0.56 -35.29 -20.96
C GLY C 374 -0.03 -34.24 -20.03
N SER C 375 0.82 -33.70 -19.16
CA SER C 375 0.47 -32.69 -18.17
C SER C 375 1.61 -31.67 -17.99
N TYR C 376 1.27 -30.37 -18.04
CA TYR C 376 2.20 -29.23 -17.90
C TYR C 376 3.22 -29.12 -19.01
N PHE C 377 4.14 -30.06 -19.08
CA PHE C 377 5.16 -30.03 -20.11
C PHE C 377 4.85 -31.13 -21.11
N VAL C 378 5.02 -30.77 -22.37
CA VAL C 378 4.63 -31.59 -23.51
C VAL C 378 5.78 -31.60 -24.52
N ASP C 379 5.85 -32.62 -25.38
CA ASP C 379 6.91 -32.61 -26.38
C ASP C 379 6.43 -31.79 -27.55
N ALA C 380 7.27 -30.90 -28.05
CA ALA C 380 6.84 -30.10 -29.17
C ALA C 380 7.78 -30.09 -30.38
N HIS C 381 8.71 -31.03 -30.43
CA HIS C 381 9.66 -31.13 -31.56
C HIS C 381 8.96 -31.03 -32.90
#